data_6FHY
#
_entry.id   6FHY
#
_cell.length_a   81.346
_cell.length_b   81.346
_cell.length_c   222.783
_cell.angle_alpha   90.00
_cell.angle_beta   90.00
_cell.angle_gamma   120.00
#
_symmetry.space_group_name_H-M   'P 32 2 1'
#
loop_
_entity.id
_entity.type
_entity.pdbx_description
1 polymer 'Lectin PHL'
2 non-polymer (2~{S},3~{S},4~{R},5~{S},6~{S})-2-[[(2~{S},4~{R},6~{R})-2-(hydroxymethyl)-6-oxidanyl-oxan-4-yl]methyl]-6-methyl-oxane-3,4,5-triol
3 non-polymer 'CHLORIDE ION'
4 non-polymer 1,2-ETHANEDIOL
5 non-polymer DI(HYDROXYETHYL)ETHER
6 water water
#
_entity_poly.entity_id   1
_entity_poly.type   'polypeptide(L)'
_entity_poly.pdbx_seq_one_letter_code
;MQPINTSNPDNTASYVKDEVEITSSTIALSEIVSVVNTSDGRLEVFGVGTDKAVWHNRQMAPHTGSPWSGWSSLKGQVTS
KPVVYINTDGRLEVFARGTDNALWHIWQTATNAGWSNWQSLGGVITSNPAIYANTDGRLEVFARGADNALWHISQTTAHS
GPWSSWASLNGVITSNPTVHINSDGRLEVFARGTDNALWHIWQTAPDSNLWSSWESLNGIITSDPVVIDTADGRLEVFAR
GADNALWHIWQTISHSGPWSGWQSLNGVITSAPAVAKNCDNRLEAFARGTDNALWHTWQTVSHSGPWSSWQSLNGVITSA
PTAVRDADGRLEVFARGTDNALWLTWQTASSWSPWISLGGVLIDASAIK
;
_entity_poly.pdbx_strand_id   A,B
#
# COMPACT_ATOMS: atom_id res chain seq x y z
N SER A 25 11.35 -29.07 -19.21
CA SER A 25 12.42 -29.03 -18.13
C SER A 25 13.27 -27.73 -18.07
N THR A 26 12.74 -26.65 -18.66
CA THR A 26 13.47 -25.41 -18.97
C THR A 26 12.54 -24.21 -18.75
N ILE A 27 13.09 -23.12 -18.22
CA ILE A 27 12.40 -21.83 -18.18
C ILE A 27 13.41 -20.76 -18.56
N ALA A 28 12.90 -19.64 -19.05
CA ALA A 28 13.70 -18.46 -19.33
C ALA A 28 14.58 -18.04 -18.14
N LEU A 29 15.75 -17.48 -18.46
CA LEU A 29 16.74 -17.09 -17.44
C LEU A 29 16.08 -16.26 -16.33
N SER A 30 16.38 -16.59 -15.08
CA SER A 30 15.76 -15.93 -13.93
C SER A 30 16.40 -14.57 -13.57
N GLU A 31 15.64 -13.80 -12.77
CA GLU A 31 16.16 -12.61 -12.06
C GLU A 31 17.33 -13.04 -11.20
N ILE A 32 18.28 -12.12 -11.02
CA ILE A 32 19.48 -12.36 -10.19
C ILE A 32 19.35 -11.88 -8.75
N VAL A 33 18.37 -11.01 -8.50
CA VAL A 33 18.11 -10.53 -7.15
C VAL A 33 16.61 -10.53 -6.86
N SER A 34 16.29 -10.46 -5.58
N SER A 34 16.26 -10.51 -5.58
CA SER A 34 14.95 -10.14 -5.11
CA SER A 34 14.92 -10.14 -5.14
C SER A 34 15.05 -8.75 -4.53
C SER A 34 15.03 -8.75 -4.53
N VAL A 35 14.04 -7.91 -4.78
CA VAL A 35 14.05 -6.51 -4.34
C VAL A 35 12.83 -6.24 -3.48
N VAL A 36 12.98 -5.31 -2.55
CA VAL A 36 11.93 -4.85 -1.67
C VAL A 36 12.06 -3.35 -1.45
N ASN A 37 10.92 -2.70 -1.26
CA ASN A 37 10.87 -1.33 -0.70
C ASN A 37 10.84 -1.45 0.81
N THR A 38 11.84 -0.89 1.49
CA THR A 38 11.95 -1.02 2.94
C THR A 38 10.85 -0.23 3.64
N SER A 39 10.76 -0.44 4.95
CA SER A 39 9.82 0.28 5.80
C SER A 39 9.97 1.79 5.69
N ASP A 40 11.19 2.23 5.38
CA ASP A 40 11.52 3.64 5.24
C ASP A 40 11.78 4.06 3.78
N GLY A 41 11.21 3.31 2.83
CA GLY A 41 11.09 3.74 1.44
C GLY A 41 12.31 3.59 0.56
N ARG A 42 13.31 2.83 1.01
CA ARG A 42 14.53 2.62 0.23
C ARG A 42 14.46 1.27 -0.50
N LEU A 43 15.20 1.17 -1.60
CA LEU A 43 15.38 -0.11 -2.31
C LEU A 43 16.49 -0.95 -1.67
N GLU A 44 16.21 -2.24 -1.48
CA GLU A 44 17.14 -3.19 -0.91
C GLU A 44 17.03 -4.48 -1.72
N VAL A 45 18.18 -4.94 -2.21
CA VAL A 45 18.26 -6.11 -3.09
C VAL A 45 18.99 -7.24 -2.36
N PHE A 46 18.60 -8.47 -2.66
CA PHE A 46 19.19 -9.66 -2.11
C PHE A 46 19.55 -10.61 -3.25
N GLY A 47 20.77 -11.14 -3.18
CA GLY A 47 21.21 -12.15 -4.12
C GLY A 47 22.21 -13.11 -3.51
N VAL A 48 22.75 -13.97 -4.37
CA VAL A 48 23.63 -15.05 -3.94
C VAL A 48 25.04 -14.80 -4.45
N GLY A 49 25.99 -14.90 -3.53
CA GLY A 49 27.39 -14.66 -3.82
C GLY A 49 28.08 -15.93 -4.22
N THR A 50 29.35 -15.78 -4.60
CA THR A 50 30.20 -16.90 -5.03
C THR A 50 30.45 -17.91 -3.91
N ASP A 51 30.32 -17.47 -2.67
CA ASP A 51 30.37 -18.34 -1.48
C ASP A 51 29.03 -19.05 -1.14
N LYS A 52 27.97 -18.82 -1.93
CA LYS A 52 26.60 -19.37 -1.72
C LYS A 52 25.86 -18.72 -0.55
N ALA A 53 26.42 -17.66 0.04
CA ALA A 53 25.73 -16.87 1.05
C ALA A 53 24.78 -15.89 0.40
N VAL A 54 23.77 -15.49 1.15
CA VAL A 54 22.90 -14.40 0.76
C VAL A 54 23.60 -13.08 1.09
N TRP A 55 23.77 -12.23 0.08
CA TRP A 55 24.25 -10.87 0.27
C TRP A 55 23.15 -9.89 -0.07
N HIS A 56 23.28 -8.69 0.49
CA HIS A 56 22.37 -7.61 0.21
C HIS A 56 23.03 -6.24 0.12
N ASN A 57 22.31 -5.34 -0.53
CA ASN A 57 22.78 -4.02 -0.85
C ASN A 57 21.57 -3.11 -0.80
N ARG A 58 21.75 -1.88 -0.32
CA ARG A 58 20.62 -0.96 -0.23
C ARG A 58 21.00 0.49 -0.51
N GLN A 59 20.00 1.27 -0.88
CA GLN A 59 20.17 2.70 -0.99
C GLN A 59 20.38 3.32 0.38
N MET A 60 21.24 4.33 0.41
CA MET A 60 21.44 5.15 1.59
CA MET A 60 21.42 5.13 1.63
C MET A 60 20.15 5.89 1.95
N ALA A 61 19.56 6.45 0.92
CA ALA A 61 18.46 7.38 1.06
C ALA A 61 17.33 7.02 0.08
N PRO A 62 16.08 7.35 0.43
CA PRO A 62 14.93 7.02 -0.43
C PRO A 62 14.75 7.98 -1.60
N HIS A 63 15.73 8.00 -2.51
CA HIS A 63 15.69 8.80 -3.74
C HIS A 63 16.37 8.08 -4.91
N THR A 64 15.86 8.32 -6.12
CA THR A 64 16.46 7.83 -7.34
C THR A 64 17.92 8.33 -7.39
N GLY A 65 18.87 7.44 -7.64
CA GLY A 65 20.28 7.81 -7.71
C GLY A 65 21.03 8.02 -6.41
N SER A 66 20.41 7.69 -5.28
CA SER A 66 21.10 7.65 -4.01
C SER A 66 22.37 6.79 -4.10
N PRO A 67 23.43 7.19 -3.36
CA PRO A 67 24.50 6.22 -3.16
C PRO A 67 23.96 4.91 -2.55
N TRP A 68 24.72 3.83 -2.74
CA TRP A 68 24.38 2.50 -2.23
C TRP A 68 25.35 2.08 -1.16
N SER A 69 24.89 1.19 -0.29
CA SER A 69 25.70 0.70 0.82
C SER A 69 26.88 -0.17 0.37
N GLY A 70 26.76 -0.81 -0.79
CA GLY A 70 27.65 -1.90 -1.12
C GLY A 70 27.12 -3.17 -0.49
N TRP A 71 27.69 -4.29 -0.94
CA TRP A 71 27.24 -5.62 -0.56
C TRP A 71 27.75 -6.05 0.82
N SER A 72 26.85 -6.55 1.66
CA SER A 72 27.23 -7.21 2.92
C SER A 72 26.53 -8.56 3.01
N SER A 73 27.15 -9.48 3.74
CA SER A 73 26.69 -10.87 3.78
C SER A 73 25.76 -11.12 4.94
N LEU A 74 24.67 -11.86 4.68
CA LEU A 74 23.86 -12.45 5.74
C LEU A 74 24.24 -13.91 5.95
N LYS A 75 25.33 -14.35 5.31
CA LYS A 75 25.86 -15.70 5.51
C LYS A 75 24.85 -16.76 5.03
N GLY A 76 24.86 -17.97 5.59
CA GLY A 76 24.06 -19.08 5.08
C GLY A 76 24.68 -19.71 3.86
N GLN A 77 24.13 -20.84 3.49
CA GLN A 77 24.47 -21.55 2.27
C GLN A 77 23.17 -21.91 1.59
N VAL A 78 22.89 -21.30 0.44
CA VAL A 78 21.59 -21.49 -0.20
C VAL A 78 21.65 -22.18 -1.54
N THR A 79 20.54 -22.82 -1.88
CA THR A 79 20.39 -23.59 -3.12
C THR A 79 19.15 -23.19 -3.92
N SER A 80 18.66 -21.97 -3.66
CA SER A 80 17.59 -21.35 -4.42
C SER A 80 17.91 -19.88 -4.48
N LYS A 81 17.18 -19.19 -5.34
CA LYS A 81 17.13 -17.74 -5.26
C LYS A 81 16.59 -17.38 -3.86
N PRO A 82 17.23 -16.41 -3.16
CA PRO A 82 16.70 -15.92 -1.88
C PRO A 82 15.60 -14.89 -2.16
N VAL A 83 14.49 -15.01 -1.44
CA VAL A 83 13.34 -14.16 -1.73
C VAL A 83 12.99 -13.39 -0.48
N VAL A 84 13.10 -12.07 -0.59
CA VAL A 84 12.75 -11.18 0.52
C VAL A 84 11.26 -10.84 0.48
N TYR A 85 10.66 -10.72 1.65
CA TYR A 85 9.30 -10.21 1.78
C TYR A 85 9.26 -9.32 3.02
N ILE A 86 8.47 -8.25 2.99
CA ILE A 86 8.36 -7.35 4.13
C ILE A 86 7.11 -7.74 4.96
N ASN A 87 7.33 -8.04 6.24
CA ASN A 87 6.26 -8.37 7.18
C ASN A 87 5.40 -7.13 7.37
N THR A 88 4.18 -7.30 7.87
CA THR A 88 3.26 -6.14 8.01
C THR A 88 3.67 -5.18 9.14
N ASP A 89 4.68 -5.56 9.91
CA ASP A 89 5.36 -4.67 10.89
C ASP A 89 6.66 -4.02 10.35
N GLY A 90 6.89 -4.15 9.05
CA GLY A 90 8.08 -3.60 8.40
C GLY A 90 9.36 -4.39 8.51
N ARG A 91 9.34 -5.53 9.19
CA ARG A 91 10.54 -6.35 9.31
C ARG A 91 10.73 -7.20 8.03
N LEU A 92 11.88 -7.02 7.38
CA LEU A 92 12.25 -7.85 6.25
C LEU A 92 12.49 -9.28 6.67
N GLU A 93 12.11 -10.22 5.81
CA GLU A 93 12.35 -11.63 6.03
C GLU A 93 12.71 -12.28 4.70
N VAL A 94 13.80 -13.04 4.72
CA VAL A 94 14.37 -13.64 3.52
C VAL A 94 14.18 -15.14 3.63
N PHE A 95 13.64 -15.73 2.56
CA PHE A 95 13.37 -17.17 2.47
C PHE A 95 14.23 -17.77 1.38
N ALA A 96 14.79 -18.94 1.67
CA ALA A 96 15.63 -19.63 0.69
C ALA A 96 15.72 -21.12 0.99
N ARG A 97 15.86 -21.89 -0.07
CA ARG A 97 16.14 -23.31 0.07
C ARG A 97 17.56 -23.52 0.58
N GLY A 98 17.72 -24.45 1.50
CA GLY A 98 19.01 -24.76 2.09
C GLY A 98 19.69 -25.94 1.44
N THR A 99 20.88 -26.25 1.97
CA THR A 99 21.69 -27.36 1.48
C THR A 99 21.08 -28.72 1.78
N ASP A 100 20.16 -28.77 2.73
CA ASP A 100 19.42 -29.99 3.04
C ASP A 100 18.06 -30.02 2.34
N ASN A 101 17.82 -29.09 1.41
CA ASN A 101 16.53 -28.90 0.73
C ASN A 101 15.29 -28.47 1.55
N ALA A 102 15.50 -28.16 2.82
CA ALA A 102 14.50 -27.56 3.65
C ALA A 102 14.34 -26.08 3.28
N LEU A 103 13.19 -25.53 3.64
CA LEU A 103 13.00 -24.11 3.59
C LEU A 103 13.69 -23.51 4.80
N TRP A 104 14.58 -22.56 4.54
CA TRP A 104 15.19 -21.75 5.59
C TRP A 104 14.76 -20.27 5.51
N HIS A 105 14.89 -19.58 6.65
CA HIS A 105 14.61 -18.14 6.69
C HIS A 105 15.48 -17.40 7.68
N ILE A 106 15.55 -16.09 7.47
CA ILE A 106 16.29 -15.16 8.32
C ILE A 106 15.49 -13.87 8.30
N TRP A 107 15.44 -13.16 9.43
CA TRP A 107 14.53 -12.00 9.55
C TRP A 107 15.16 -10.88 10.34
N GLN A 108 14.71 -9.66 10.06
CA GLN A 108 15.07 -8.56 10.92
C GLN A 108 14.36 -8.76 12.26
N THR A 109 15.10 -8.58 13.34
CA THR A 109 14.55 -8.75 14.68
C THR A 109 13.82 -7.49 15.16
N ALA A 110 14.12 -6.37 14.53
CA ALA A 110 13.38 -5.14 14.72
C ALA A 110 13.37 -4.49 13.36
N THR A 111 12.32 -3.72 13.10
CA THR A 111 12.09 -3.12 11.78
C THR A 111 13.32 -2.38 11.26
N ASN A 112 13.83 -2.81 10.10
CA ASN A 112 14.96 -2.17 9.42
C ASN A 112 16.26 -2.14 10.25
N ALA A 113 16.44 -3.10 11.13
CA ALA A 113 17.59 -3.14 12.05
C ALA A 113 18.32 -4.48 11.91
N GLY A 114 18.64 -5.15 13.01
CA GLY A 114 19.55 -6.29 12.99
C GLY A 114 18.83 -7.52 12.54
N TRP A 115 19.61 -8.52 12.10
CA TRP A 115 19.05 -9.78 11.59
C TRP A 115 19.24 -10.92 12.57
N SER A 116 18.33 -11.88 12.51
CA SER A 116 18.41 -13.12 13.27
C SER A 116 19.49 -14.00 12.69
N ASN A 117 19.66 -15.16 13.31
CA ASN A 117 20.35 -16.28 12.69
C ASN A 117 19.39 -16.94 11.69
N TRP A 118 19.96 -17.63 10.72
CA TRP A 118 19.22 -18.51 9.85
C TRP A 118 18.54 -19.60 10.68
N GLN A 119 17.29 -19.91 10.36
CA GLN A 119 16.56 -21.01 11.00
C GLN A 119 15.84 -21.84 9.93
N SER A 120 15.71 -23.13 10.19
CA SER A 120 15.02 -24.03 9.27
C SER A 120 13.53 -24.08 9.58
N LEU A 121 12.71 -24.10 8.55
CA LEU A 121 11.29 -24.41 8.64
C LEU A 121 10.99 -25.81 8.11
N GLY A 122 12.04 -26.59 7.92
CA GLY A 122 11.92 -27.96 7.50
C GLY A 122 11.33 -28.08 6.10
N GLY A 123 10.71 -29.24 5.87
CA GLY A 123 10.20 -29.59 4.56
C GLY A 123 11.28 -30.04 3.59
N VAL A 124 10.85 -30.36 2.38
CA VAL A 124 11.73 -30.71 1.28
C VAL A 124 11.12 -30.03 0.07
N ILE A 125 11.84 -29.04 -0.44
CA ILE A 125 11.36 -28.26 -1.54
C ILE A 125 12.30 -28.32 -2.72
N THR A 126 11.74 -28.05 -3.89
CA THR A 126 12.43 -28.20 -5.18
C THR A 126 12.15 -27.04 -6.12
N SER A 127 11.80 -25.88 -5.54
CA SER A 127 11.67 -24.63 -6.28
C SER A 127 12.14 -23.49 -5.40
N ASN A 128 12.23 -22.31 -6.00
CA ASN A 128 12.37 -21.07 -5.24
C ASN A 128 11.07 -20.88 -4.44
N PRO A 129 11.17 -20.31 -3.22
CA PRO A 129 9.97 -20.04 -2.44
C PRO A 129 9.25 -18.80 -2.95
N ALA A 130 7.94 -18.74 -2.76
CA ALA A 130 7.13 -17.59 -3.13
C ALA A 130 6.29 -17.23 -1.93
N ILE A 131 6.17 -15.94 -1.65
CA ILE A 131 5.67 -15.48 -0.36
C ILE A 131 4.62 -14.39 -0.54
N TYR A 132 3.59 -14.44 0.28
CA TYR A 132 2.66 -13.29 0.38
C TYR A 132 2.07 -13.22 1.77
N ALA A 133 1.65 -12.02 2.17
CA ALA A 133 0.95 -11.85 3.44
C ALA A 133 -0.53 -12.05 3.24
N ASN A 134 -1.12 -12.87 4.10
CA ASN A 134 -2.55 -12.96 4.20
C ASN A 134 -3.11 -11.63 4.79
N THR A 135 -4.42 -11.48 4.69
CA THR A 135 -5.08 -10.24 5.15
C THR A 135 -4.98 -10.07 6.66
N ASP A 136 -4.69 -11.17 7.37
CA ASP A 136 -4.43 -11.16 8.81
C ASP A 136 -2.98 -10.96 9.23
N GLY A 137 -2.13 -10.53 8.29
CA GLY A 137 -0.71 -10.36 8.54
C GLY A 137 0.17 -11.60 8.62
N ARG A 138 -0.42 -12.81 8.44
CA ARG A 138 0.34 -14.04 8.49
CA ARG A 138 0.31 -14.08 8.47
C ARG A 138 0.98 -14.30 7.11
N LEU A 139 2.31 -14.35 7.08
CA LEU A 139 3.02 -14.69 5.86
C LEU A 139 2.76 -16.16 5.54
N GLU A 140 2.60 -16.42 4.25
CA GLU A 140 2.42 -17.79 3.74
C GLU A 140 3.40 -18.00 2.58
N VAL A 141 4.11 -19.13 2.65
CA VAL A 141 5.18 -19.47 1.75
C VAL A 141 4.75 -20.69 0.97
N PHE A 142 4.99 -20.63 -0.35
CA PHE A 142 4.63 -21.68 -1.29
C PHE A 142 5.89 -22.14 -1.99
N ALA A 143 5.98 -23.44 -2.27
CA ALA A 143 7.14 -24.00 -2.99
C ALA A 143 6.82 -25.37 -3.50
N ARG A 144 7.47 -25.74 -4.61
CA ARG A 144 7.31 -27.07 -5.16
C ARG A 144 7.97 -28.04 -4.16
N GLY A 145 7.33 -29.17 -3.94
CA GLY A 145 7.85 -30.19 -3.03
C GLY A 145 8.67 -31.25 -3.76
N ALA A 146 9.19 -32.19 -2.98
CA ALA A 146 9.89 -33.35 -3.55
C ALA A 146 8.96 -34.20 -4.42
N ASP A 147 7.65 -34.16 -4.13
CA ASP A 147 6.65 -34.85 -4.98
C ASP A 147 6.15 -34.05 -6.19
N ASN A 148 6.79 -32.90 -6.45
CA ASN A 148 6.45 -32.00 -7.54
C ASN A 148 5.09 -31.29 -7.41
N ALA A 149 4.45 -31.41 -6.25
CA ALA A 149 3.20 -30.72 -5.98
C ALA A 149 3.51 -29.38 -5.36
N LEU A 150 2.49 -28.54 -5.22
CA LEU A 150 2.62 -27.26 -4.54
C LEU A 150 2.36 -27.44 -3.04
N TRP A 151 3.36 -27.10 -2.22
CA TRP A 151 3.21 -27.14 -0.76
C TRP A 151 3.25 -25.74 -0.18
N HIS A 152 2.71 -25.61 1.04
CA HIS A 152 2.70 -24.34 1.72
C HIS A 152 2.78 -24.45 3.24
N ILE A 153 3.23 -23.35 3.84
CA ILE A 153 3.42 -23.23 5.30
C ILE A 153 3.21 -21.74 5.65
N SER A 154 2.73 -21.45 6.85
CA SER A 154 2.46 -20.07 7.25
C SER A 154 2.73 -19.76 8.72
N GLN A 155 2.97 -18.48 8.99
CA GLN A 155 3.00 -17.94 10.35
C GLN A 155 1.67 -18.23 11.03
N THR A 156 1.72 -18.61 12.30
CA THR A 156 0.47 -18.91 13.03
C THR A 156 -0.18 -17.65 13.56
N THR A 157 0.59 -16.59 13.81
CA THR A 157 0.01 -15.26 14.08
C THR A 157 0.75 -14.21 13.27
N ALA A 158 0.21 -13.00 13.21
CA ALA A 158 0.73 -11.95 12.33
C ALA A 158 2.22 -11.73 12.57
N HIS A 159 2.99 -11.75 11.47
CA HIS A 159 4.43 -11.50 11.46
C HIS A 159 5.17 -12.16 12.62
N SER A 160 4.85 -13.43 12.87
CA SER A 160 5.46 -14.17 13.94
C SER A 160 5.35 -15.67 13.79
N GLY A 161 6.39 -16.35 14.26
CA GLY A 161 6.33 -17.79 14.55
C GLY A 161 5.53 -18.06 15.81
N PRO A 162 5.33 -19.33 16.18
CA PRO A 162 5.77 -20.48 15.36
C PRO A 162 5.02 -20.59 14.03
N TRP A 163 5.56 -21.42 13.16
CA TRP A 163 4.97 -21.67 11.86
C TRP A 163 4.04 -22.89 11.92
N SER A 164 3.11 -22.97 10.97
CA SER A 164 2.18 -24.09 10.88
C SER A 164 2.89 -25.33 10.43
N SER A 165 2.14 -26.42 10.35
CA SER A 165 2.58 -27.58 9.62
C SER A 165 2.61 -27.26 8.14
N TRP A 166 3.44 -28.02 7.45
CA TRP A 166 3.48 -28.02 6.00
C TRP A 166 2.22 -28.74 5.50
N ALA A 167 1.65 -28.24 4.40
CA ALA A 167 0.47 -28.83 3.77
C ALA A 167 0.56 -28.76 2.26
N SER A 168 -0.12 -29.69 1.58
CA SER A 168 -0.09 -29.77 0.13
C SER A 168 -1.32 -29.22 -0.49
N LEU A 169 -1.13 -28.56 -1.63
CA LEU A 169 -2.20 -28.23 -2.55
C LEU A 169 -2.21 -29.12 -3.78
N ASN A 170 -1.45 -30.21 -3.76
CA ASN A 170 -1.44 -31.18 -4.86
C ASN A 170 -1.01 -30.51 -6.18
N GLY A 171 -1.43 -31.06 -7.30
CA GLY A 171 -0.97 -30.58 -8.59
C GLY A 171 0.40 -31.12 -8.90
N VAL A 172 0.82 -30.88 -10.14
CA VAL A 172 2.17 -31.23 -10.56
C VAL A 172 2.66 -30.02 -11.33
N ILE A 173 3.70 -29.36 -10.82
CA ILE A 173 4.18 -28.13 -11.45
C ILE A 173 5.62 -28.23 -11.93
N THR A 174 5.91 -27.42 -12.96
CA THR A 174 7.16 -27.45 -13.71
C THR A 174 7.81 -26.05 -13.87
N SER A 175 7.38 -25.08 -13.07
CA SER A 175 8.07 -23.78 -12.97
C SER A 175 8.14 -23.45 -11.49
N ASN A 176 8.85 -22.40 -11.15
CA ASN A 176 8.70 -21.83 -9.81
C ASN A 176 7.28 -21.29 -9.64
N PRO A 177 6.72 -21.37 -8.41
CA PRO A 177 5.37 -20.83 -8.24
C PRO A 177 5.41 -19.31 -8.02
N THR A 178 4.28 -18.65 -8.32
CA THR A 178 4.13 -17.22 -8.05
C THR A 178 2.79 -16.97 -7.39
N VAL A 179 2.82 -16.22 -6.30
CA VAL A 179 1.62 -15.92 -5.53
C VAL A 179 1.35 -14.42 -5.52
N HIS A 180 0.06 -14.08 -5.52
CA HIS A 180 -0.36 -12.70 -5.33
C HIS A 180 -1.74 -12.72 -4.68
N ILE A 181 -2.02 -11.69 -3.88
CA ILE A 181 -3.34 -11.54 -3.28
C ILE A 181 -4.30 -10.86 -4.25
N ASN A 182 -5.56 -11.25 -4.23
CA ASN A 182 -6.60 -10.61 -5.01
C ASN A 182 -7.02 -9.35 -4.25
N SER A 183 -7.80 -8.52 -4.94
CA SER A 183 -8.34 -7.30 -4.36
C SER A 183 -9.41 -7.56 -3.27
N ASP A 184 -9.96 -8.77 -3.20
CA ASP A 184 -10.77 -9.21 -2.05
C ASP A 184 -10.06 -10.01 -0.95
N GLY A 185 -8.72 -10.03 -0.99
CA GLY A 185 -7.93 -10.67 0.06
C GLY A 185 -7.58 -12.16 -0.05
N ARG A 186 -8.08 -12.83 -1.10
CA ARG A 186 -7.77 -14.24 -1.35
C ARG A 186 -6.44 -14.39 -2.11
N LEU A 187 -5.54 -15.19 -1.53
CA LEU A 187 -4.30 -15.54 -2.20
C LEU A 187 -4.61 -16.42 -3.41
N GLU A 188 -3.76 -16.28 -4.43
CA GLU A 188 -3.86 -17.08 -5.62
C GLU A 188 -2.47 -17.37 -6.16
N VAL A 189 -2.25 -18.64 -6.50
CA VAL A 189 -0.94 -19.11 -6.91
C VAL A 189 -1.00 -19.58 -8.35
N PHE A 190 0.09 -19.29 -9.07
CA PHE A 190 0.24 -19.57 -10.47
C PHE A 190 1.50 -20.38 -10.70
N ALA A 191 1.43 -21.34 -11.62
CA ALA A 191 2.63 -22.12 -11.98
C ALA A 191 2.43 -22.82 -13.30
N ARG A 192 3.51 -23.11 -13.99
CA ARG A 192 3.45 -23.96 -15.18
C ARG A 192 3.10 -25.40 -14.81
N GLY A 193 2.23 -26.01 -15.59
CA GLY A 193 1.89 -27.41 -15.42
C GLY A 193 2.68 -28.32 -16.36
N THR A 194 2.42 -29.62 -16.25
CA THR A 194 3.13 -30.64 -17.04
C THR A 194 2.76 -30.62 -18.53
N ASP A 195 1.62 -30.03 -18.88
CA ASP A 195 1.28 -29.69 -20.27
C ASP A 195 1.84 -28.31 -20.71
N ASN A 196 2.71 -27.72 -19.90
CA ASN A 196 3.26 -26.38 -20.13
C ASN A 196 2.26 -25.23 -20.16
N ALA A 197 1.00 -25.49 -19.77
CA ALA A 197 0.04 -24.41 -19.63
C ALA A 197 0.25 -23.66 -18.32
N LEU A 198 -0.38 -22.49 -18.25
CA LEU A 198 -0.45 -21.72 -16.99
C LEU A 198 -1.61 -22.30 -16.20
N TRP A 199 -1.32 -22.74 -14.97
CA TRP A 199 -2.33 -23.21 -14.05
C TRP A 199 -2.40 -22.31 -12.82
N HIS A 200 -3.55 -22.32 -12.16
CA HIS A 200 -3.70 -21.57 -10.94
C HIS A 200 -4.67 -22.21 -9.97
N ILE A 201 -4.58 -21.73 -8.74
CA ILE A 201 -5.37 -22.25 -7.63
C ILE A 201 -5.51 -21.09 -6.65
N TRP A 202 -6.66 -21.00 -5.97
CA TRP A 202 -6.93 -19.84 -5.10
C TRP A 202 -7.57 -20.20 -3.78
N GLN A 203 -7.33 -19.36 -2.78
CA GLN A 203 -8.10 -19.39 -1.51
C GLN A 203 -9.57 -19.15 -1.77
N THR A 204 -10.45 -19.88 -1.07
CA THR A 204 -11.88 -19.64 -1.25
C THR A 204 -12.37 -18.54 -0.32
N ALA A 205 -11.56 -18.20 0.68
CA ALA A 205 -11.82 -17.05 1.53
C ALA A 205 -10.47 -16.56 2.08
N PRO A 206 -10.33 -15.27 2.39
CA PRO A 206 -9.06 -14.77 2.95
C PRO A 206 -8.64 -15.50 4.21
N ASP A 207 -7.34 -15.69 4.38
CA ASP A 207 -6.75 -16.29 5.60
C ASP A 207 -7.03 -17.79 5.76
N SER A 208 -7.61 -18.41 4.74
CA SER A 208 -8.19 -19.73 4.83
C SER A 208 -7.15 -20.81 4.49
N ASN A 209 -7.37 -22.02 5.01
CA ASN A 209 -6.70 -23.19 4.47
C ASN A 209 -7.59 -23.95 3.49
N LEU A 210 -8.71 -23.36 3.07
CA LEU A 210 -9.56 -23.95 2.01
C LEU A 210 -9.27 -23.33 0.68
N TRP A 211 -8.93 -24.17 -0.29
CA TRP A 211 -8.58 -23.71 -1.62
C TRP A 211 -9.47 -24.35 -2.67
N SER A 212 -9.60 -23.68 -3.82
CA SER A 212 -10.19 -24.28 -5.02
C SER A 212 -9.40 -25.48 -5.52
N SER A 213 -9.97 -26.13 -6.53
CA SER A 213 -9.20 -27.07 -7.34
C SER A 213 -8.22 -26.30 -8.23
N TRP A 214 -7.18 -27.02 -8.67
CA TRP A 214 -6.31 -26.55 -9.73
C TRP A 214 -7.13 -26.37 -11.01
N GLU A 215 -6.83 -25.29 -11.73
CA GLU A 215 -7.52 -24.97 -12.98
C GLU A 215 -6.51 -24.45 -13.96
N SER A 216 -6.73 -24.77 -15.24
CA SER A 216 -5.82 -24.37 -16.32
C SER A 216 -6.31 -23.09 -16.93
N LEU A 217 -5.35 -22.21 -17.23
CA LEU A 217 -5.55 -21.02 -18.07
C LEU A 217 -4.99 -21.23 -19.48
N ASN A 218 -4.71 -22.49 -19.84
CA ASN A 218 -4.22 -22.88 -21.17
C ASN A 218 -2.93 -22.12 -21.55
N GLY A 219 -2.68 -21.96 -22.84
CA GLY A 219 -1.46 -21.35 -23.32
C GLY A 219 -0.29 -22.30 -23.19
N ILE A 220 0.85 -21.85 -23.71
CA ILE A 220 2.13 -22.48 -23.46
C ILE A 220 3.03 -21.42 -22.86
N ILE A 221 3.65 -21.71 -21.72
CA ILE A 221 4.58 -20.75 -21.15
C ILE A 221 5.96 -21.34 -21.02
N THR A 222 6.95 -20.47 -21.25
CA THR A 222 8.36 -20.84 -21.28
C THR A 222 9.21 -19.99 -20.32
N SER A 223 8.55 -19.43 -19.32
CA SER A 223 9.19 -18.74 -18.21
C SER A 223 8.30 -18.94 -16.99
N ASP A 224 8.84 -18.64 -15.80
CA ASP A 224 8.01 -18.42 -14.63
C ASP A 224 6.95 -17.37 -14.95
N PRO A 225 5.76 -17.48 -14.33
CA PRO A 225 4.77 -16.43 -14.47
C PRO A 225 5.08 -15.30 -13.51
N VAL A 226 4.77 -14.08 -13.97
CA VAL A 226 4.93 -12.87 -13.20
C VAL A 226 3.52 -12.32 -13.03
N VAL A 227 3.14 -12.03 -11.79
CA VAL A 227 1.74 -11.65 -11.49
C VAL A 227 1.72 -10.27 -10.83
N ILE A 228 0.81 -9.43 -11.30
CA ILE A 228 0.63 -8.06 -10.89
C ILE A 228 -0.83 -7.93 -10.53
N ASP A 229 -1.16 -7.05 -9.58
CA ASP A 229 -2.56 -6.64 -9.35
C ASP A 229 -2.70 -5.25 -9.93
N THR A 230 -3.60 -5.06 -10.89
CA THR A 230 -3.75 -3.78 -11.59
C THR A 230 -4.34 -2.70 -10.67
N ALA A 231 -4.32 -1.45 -11.14
CA ALA A 231 -4.93 -0.34 -10.38
C ALA A 231 -6.42 -0.57 -10.15
N ASP A 232 -7.08 -1.30 -11.04
CA ASP A 232 -8.49 -1.63 -10.85
C ASP A 232 -8.77 -3.01 -10.23
N GLY A 233 -7.77 -3.56 -9.55
CA GLY A 233 -7.93 -4.73 -8.70
C GLY A 233 -8.09 -6.06 -9.41
N ARG A 234 -7.48 -6.19 -10.57
CA ARG A 234 -7.52 -7.42 -11.36
C ARG A 234 -6.13 -8.05 -11.44
N LEU A 235 -6.04 -9.36 -11.20
CA LEU A 235 -4.76 -10.07 -11.40
C LEU A 235 -4.48 -10.16 -12.87
N GLU A 236 -3.21 -9.97 -13.20
CA GLU A 236 -2.74 -10.01 -14.58
C GLU A 236 -1.43 -10.74 -14.58
N VAL A 237 -1.33 -11.74 -15.46
CA VAL A 237 -0.18 -12.64 -15.46
C VAL A 237 0.57 -12.41 -16.77
N PHE A 238 1.90 -12.27 -16.65
CA PHE A 238 2.83 -12.12 -17.76
C PHE A 238 3.75 -13.34 -17.81
N ALA A 239 4.01 -13.85 -19.02
CA ALA A 239 4.92 -14.96 -19.21
C ALA A 239 5.45 -14.99 -20.64
N ARG A 240 6.66 -15.54 -20.79
CA ARG A 240 7.20 -15.79 -22.13
C ARG A 240 6.37 -16.95 -22.72
N GLY A 241 6.04 -16.87 -24.01
CA GLY A 241 5.34 -17.96 -24.71
C GLY A 241 6.24 -18.90 -25.51
N ALA A 242 5.60 -19.79 -26.29
CA ALA A 242 6.33 -20.80 -27.08
C ALA A 242 7.08 -20.14 -28.22
N ASP A 243 6.61 -18.97 -28.64
CA ASP A 243 7.23 -18.17 -29.71
C ASP A 243 8.26 -17.16 -29.19
N ASN A 244 8.58 -17.25 -27.90
CA ASN A 244 9.46 -16.29 -27.22
C ASN A 244 9.01 -14.85 -27.15
N ALA A 245 7.75 -14.56 -27.49
CA ALA A 245 7.17 -13.25 -27.17
C ALA A 245 6.71 -13.20 -25.71
N LEU A 246 6.46 -11.98 -25.27
CA LEU A 246 5.82 -11.73 -23.96
C LEU A 246 4.32 -11.76 -24.17
N TRP A 247 3.64 -12.65 -23.44
CA TRP A 247 2.19 -12.78 -23.47
C TRP A 247 1.62 -12.45 -22.09
N HIS A 248 0.34 -12.10 -22.07
CA HIS A 248 -0.37 -11.81 -20.84
C HIS A 248 -1.83 -12.16 -20.95
N ILE A 249 -2.41 -12.29 -19.76
CA ILE A 249 -3.75 -12.80 -19.54
C ILE A 249 -4.21 -12.18 -18.21
N TRP A 250 -5.51 -11.89 -18.08
CA TRP A 250 -6.02 -11.16 -16.90
C TRP A 250 -7.42 -11.55 -16.50
N GLN A 251 -7.73 -11.35 -15.22
CA GLN A 251 -9.12 -11.43 -14.73
C GLN A 251 -9.92 -10.34 -15.41
N THR A 252 -11.14 -10.67 -15.83
CA THR A 252 -12.02 -9.68 -16.49
C THR A 252 -12.71 -8.71 -15.53
N ILE A 253 -12.91 -9.12 -14.29
CA ILE A 253 -13.56 -8.22 -13.30
C ILE A 253 -12.70 -8.36 -12.10
N SER A 254 -12.81 -7.41 -11.19
CA SER A 254 -11.98 -7.40 -9.99
C SER A 254 -12.14 -8.75 -9.30
N HIS A 255 -10.99 -9.36 -9.00
CA HIS A 255 -10.91 -10.63 -8.25
C HIS A 255 -11.85 -11.70 -8.84
N TRP A 259 -11.45 -15.51 -17.06
CA TRP A 259 -10.30 -14.68 -17.46
C TRP A 259 -10.41 -14.27 -18.92
N SER A 260 -9.54 -13.36 -19.34
CA SER A 260 -9.44 -12.94 -20.74
C SER A 260 -8.82 -14.06 -21.59
N GLY A 261 -8.85 -13.91 -22.91
CA GLY A 261 -7.97 -14.78 -23.69
C GLY A 261 -6.51 -14.41 -23.38
N TRP A 262 -5.58 -15.31 -23.68
CA TRP A 262 -4.16 -14.91 -23.76
C TRP A 262 -3.98 -13.92 -24.91
N GLN A 263 -3.19 -12.87 -24.71
CA GLN A 263 -2.88 -11.91 -25.79
CA GLN A 263 -2.88 -11.92 -25.77
C GLN A 263 -1.39 -11.61 -25.79
N SER A 264 -0.81 -11.52 -27.00
CA SER A 264 0.62 -11.26 -27.14
C SER A 264 0.97 -9.77 -27.06
N LEU A 265 2.05 -9.46 -26.35
CA LEU A 265 2.68 -8.15 -26.38
C LEU A 265 3.94 -8.17 -27.26
N ASN A 266 4.13 -9.23 -28.04
CA ASN A 266 5.25 -9.35 -29.00
C ASN A 266 6.61 -9.33 -28.28
N GLY A 267 7.66 -8.89 -28.99
CA GLY A 267 9.02 -8.97 -28.51
C GLY A 267 9.53 -10.38 -28.75
N VAL A 268 10.85 -10.52 -28.64
CA VAL A 268 11.50 -11.84 -28.63
C VAL A 268 12.42 -11.78 -27.44
N ILE A 269 12.09 -12.49 -26.37
CA ILE A 269 12.79 -12.28 -25.11
C ILE A 269 13.58 -13.52 -24.69
N THR A 270 14.75 -13.28 -24.09
CA THR A 270 15.72 -14.32 -23.75
C THR A 270 15.91 -14.43 -22.22
N SER A 271 14.94 -13.91 -21.47
CA SER A 271 14.96 -14.01 -20.02
C SER A 271 13.52 -13.95 -19.56
N ALA A 272 13.32 -14.24 -18.30
CA ALA A 272 12.02 -13.96 -17.67
C ALA A 272 11.71 -12.46 -17.80
N PRO A 273 10.41 -12.10 -17.89
CA PRO A 273 10.05 -10.69 -17.86
C PRO A 273 9.97 -10.18 -16.42
N ALA A 274 10.06 -8.87 -16.25
CA ALA A 274 9.76 -8.18 -14.99
C ALA A 274 8.78 -7.06 -15.30
N VAL A 275 7.81 -6.85 -14.41
CA VAL A 275 6.77 -5.87 -14.63
C VAL A 275 6.62 -5.03 -13.37
N ALA A 276 6.45 -3.73 -13.53
CA ALA A 276 6.22 -2.86 -12.41
C ALA A 276 5.28 -1.73 -12.82
N LYS A 277 4.80 -0.99 -11.83
CA LYS A 277 3.86 0.11 -12.04
C LYS A 277 4.59 1.42 -11.98
N ASN A 278 4.35 2.27 -12.98
CA ASN A 278 4.77 3.66 -12.93
C ASN A 278 4.01 4.44 -11.85
N CYS A 279 4.47 5.67 -11.60
CA CYS A 279 3.83 6.66 -10.70
C CYS A 279 2.30 6.69 -10.85
N ASP A 280 1.86 6.72 -12.11
CA ASP A 280 0.44 6.80 -12.46
C ASP A 280 -0.26 5.45 -12.70
N ASN A 281 0.35 4.36 -12.26
CA ASN A 281 -0.15 2.98 -12.44
C ASN A 281 -0.09 2.34 -13.83
N ARG A 282 0.48 3.03 -14.81
CA ARG A 282 0.78 2.39 -16.10
C ARG A 282 1.78 1.27 -15.87
N LEU A 283 1.44 0.06 -16.32
CA LEU A 283 2.38 -1.06 -16.29
C LEU A 283 3.47 -0.92 -17.34
N GLU A 284 4.63 -1.49 -17.02
CA GLU A 284 5.82 -1.43 -17.84
C GLU A 284 6.57 -2.75 -17.65
N ALA A 285 6.89 -3.38 -18.78
CA ALA A 285 7.47 -4.74 -18.80
C ALA A 285 8.88 -4.64 -19.34
N PHE A 286 9.77 -5.45 -18.77
CA PHE A 286 11.21 -5.43 -19.07
C PHE A 286 11.67 -6.86 -19.29
N ALA A 287 12.64 -7.04 -20.19
CA ALA A 287 13.19 -8.37 -20.42
C ALA A 287 14.44 -8.23 -21.26
N ARG A 288 15.27 -9.24 -21.20
CA ARG A 288 16.45 -9.29 -22.03
C ARG A 288 16.04 -9.64 -23.46
N GLY A 289 16.69 -9.00 -24.43
CA GLY A 289 16.52 -9.32 -25.84
C GLY A 289 17.57 -10.30 -26.36
N THR A 290 17.41 -10.67 -27.63
CA THR A 290 18.33 -11.58 -28.33
C THR A 290 19.72 -10.96 -28.57
N ASP A 291 19.82 -9.63 -28.47
CA ASP A 291 21.10 -8.89 -28.42
C ASP A 291 21.67 -8.75 -26.98
N ASN A 292 21.07 -9.44 -26.03
CA ASN A 292 21.42 -9.33 -24.61
C ASN A 292 21.31 -7.93 -24.01
N ALA A 293 20.56 -7.06 -24.66
CA ALA A 293 20.27 -5.76 -24.09
C ALA A 293 18.99 -5.90 -23.27
N LEU A 294 18.77 -4.93 -22.40
CA LEU A 294 17.47 -4.73 -21.76
C LEU A 294 16.51 -4.05 -22.74
N TRP A 295 15.28 -4.57 -22.82
CA TRP A 295 14.23 -3.99 -23.62
C TRP A 295 13.00 -3.77 -22.76
N HIS A 296 12.16 -2.81 -23.17
CA HIS A 296 10.91 -2.53 -22.47
C HIS A 296 9.72 -2.12 -23.36
N THR A 297 8.54 -2.32 -22.80
CA THR A 297 7.25 -1.94 -23.43
C THR A 297 6.39 -1.44 -22.27
N TRP A 298 5.55 -0.45 -22.53
CA TRP A 298 4.77 0.22 -21.47
C TRP A 298 3.36 0.55 -21.94
N GLN A 299 2.44 0.61 -20.98
CA GLN A 299 1.13 1.16 -21.27
C GLN A 299 1.28 2.65 -21.56
N THR A 300 0.55 3.14 -22.55
CA THR A 300 0.56 4.56 -22.91
C THR A 300 -0.73 5.16 -22.35
N VAL A 301 -0.69 6.46 -22.08
CA VAL A 301 -1.85 7.27 -21.65
C VAL A 301 -2.26 7.04 -20.19
N SER A 302 -2.69 5.83 -19.86
CA SER A 302 -3.14 5.50 -18.51
C SER A 302 -2.98 4.02 -18.24
N HIS A 303 -3.32 3.63 -17.01
CA HIS A 303 -3.32 2.22 -16.63
C HIS A 303 -4.36 1.38 -17.41
N SER A 304 -5.27 2.00 -18.15
CA SER A 304 -6.20 1.27 -19.01
C SER A 304 -5.81 1.34 -20.47
N GLY A 305 -4.63 1.90 -20.77
CA GLY A 305 -4.27 2.20 -22.15
C GLY A 305 -3.62 1.06 -22.92
N PRO A 306 -3.47 1.23 -24.24
CA PRO A 306 -2.77 0.22 -25.03
C PRO A 306 -1.24 0.26 -24.83
N TRP A 307 -0.58 -0.87 -25.07
CA TRP A 307 0.86 -1.00 -24.88
C TRP A 307 1.67 -0.44 -26.06
N SER A 308 2.79 0.22 -25.75
CA SER A 308 3.74 0.68 -26.76
C SER A 308 4.41 -0.48 -27.48
N SER A 309 5.08 -0.20 -28.59
CA SER A 309 6.01 -1.20 -29.11
C SER A 309 7.29 -1.15 -28.26
N TRP A 310 8.10 -2.20 -28.40
CA TRP A 310 9.31 -2.35 -27.60
C TRP A 310 10.42 -1.36 -27.97
N GLN A 311 11.21 -0.98 -26.99
CA GLN A 311 12.34 -0.09 -27.20
C GLN A 311 13.51 -0.55 -26.33
N SER A 312 14.72 -0.35 -26.83
CA SER A 312 15.91 -0.83 -26.16
C SER A 312 16.37 0.17 -25.11
N LEU A 313 16.86 -0.38 -24.00
CA LEU A 313 17.50 0.39 -22.96
C LEU A 313 18.97 0.01 -22.84
N ASN A 314 19.48 -0.68 -23.87
CA ASN A 314 20.91 -0.93 -23.98
C ASN A 314 21.43 -1.83 -22.85
N GLY A 315 22.72 -1.76 -22.58
CA GLY A 315 23.39 -2.70 -21.70
C GLY A 315 23.64 -4.06 -22.31
N VAL A 316 24.47 -4.84 -21.63
CA VAL A 316 24.69 -6.24 -21.97
C VAL A 316 24.50 -6.99 -20.67
N ILE A 317 23.44 -7.77 -20.57
CA ILE A 317 23.06 -8.36 -19.27
C ILE A 317 23.03 -9.88 -19.30
N THR A 318 23.25 -10.49 -18.14
CA THR A 318 23.45 -11.92 -17.98
C THR A 318 22.45 -12.52 -16.98
N SER A 319 21.31 -11.84 -16.81
CA SER A 319 20.18 -12.33 -16.04
C SER A 319 18.93 -11.67 -16.60
N ALA A 320 17.77 -12.14 -16.16
CA ALA A 320 16.55 -11.34 -16.29
C ALA A 320 16.67 -10.02 -15.51
N PRO A 321 15.91 -8.99 -15.91
CA PRO A 321 15.92 -7.76 -15.11
C PRO A 321 15.01 -7.88 -13.90
N THR A 322 15.25 -7.01 -12.92
CA THR A 322 14.36 -6.84 -11.77
C THR A 322 13.94 -5.38 -11.76
N ALA A 323 12.63 -5.14 -11.76
CA ALA A 323 12.07 -3.80 -11.87
C ALA A 323 11.25 -3.41 -10.64
N VAL A 324 11.40 -2.16 -10.20
CA VAL A 324 10.72 -1.69 -8.99
C VAL A 324 10.53 -0.17 -9.04
N ARG A 325 9.43 0.34 -8.49
CA ARG A 325 9.23 1.78 -8.32
C ARG A 325 9.82 2.24 -6.99
N ASP A 326 10.65 3.26 -7.07
CA ASP A 326 11.31 3.82 -5.89
C ASP A 326 10.45 4.89 -5.19
N ALA A 327 10.99 5.48 -4.14
CA ALA A 327 10.23 6.45 -3.36
C ALA A 327 9.98 7.81 -4.03
N ASP A 328 10.63 8.06 -5.18
CA ASP A 328 10.42 9.26 -5.95
C ASP A 328 9.42 8.99 -7.10
N GLY A 329 8.82 7.81 -7.13
CA GLY A 329 7.88 7.46 -8.21
C GLY A 329 8.54 7.05 -9.51
N ARG A 330 9.86 6.79 -9.47
CA ARG A 330 10.65 6.41 -10.62
C ARG A 330 10.97 4.93 -10.63
N LEU A 331 10.81 4.31 -11.80
CA LEU A 331 11.24 2.94 -12.03
C LEU A 331 12.77 2.80 -12.08
N GLU A 332 13.23 1.76 -11.38
CA GLU A 332 14.62 1.34 -11.32
C GLU A 332 14.70 -0.13 -11.73
N VAL A 333 15.69 -0.43 -12.58
CA VAL A 333 15.87 -1.76 -13.12
C VAL A 333 17.31 -2.23 -12.86
N PHE A 334 17.39 -3.42 -12.28
CA PHE A 334 18.62 -4.11 -11.94
C PHE A 334 18.80 -5.32 -12.85
N ALA A 335 20.03 -5.60 -13.22
CA ALA A 335 20.35 -6.83 -13.93
C ALA A 335 21.82 -7.10 -13.76
N ARG A 336 22.17 -8.39 -13.77
CA ARG A 336 23.57 -8.78 -13.73
C ARG A 336 24.26 -8.41 -15.05
N GLY A 337 25.52 -8.02 -14.97
CA GLY A 337 26.29 -7.61 -16.13
C GLY A 337 27.28 -8.68 -16.55
N THR A 338 28.05 -8.36 -17.58
CA THR A 338 29.01 -9.32 -18.15
C THR A 338 30.16 -9.64 -17.22
N ASP A 339 30.43 -8.73 -16.29
CA ASP A 339 31.39 -8.94 -15.20
C ASP A 339 30.79 -9.61 -13.94
N ASN A 340 29.54 -10.06 -14.02
CA ASN A 340 28.80 -10.64 -12.88
C ASN A 340 28.47 -9.70 -11.68
N ALA A 341 28.67 -8.39 -11.88
CA ALA A 341 28.21 -7.39 -10.93
C ALA A 341 26.75 -7.09 -11.19
N LEU A 342 26.13 -6.39 -10.25
CA LEU A 342 24.74 -5.95 -10.43
C LEU A 342 24.82 -4.53 -10.98
N TRP A 343 24.13 -4.31 -12.09
CA TRP A 343 24.09 -2.99 -12.71
C TRP A 343 22.68 -2.44 -12.62
N LEU A 344 22.58 -1.13 -12.79
CA LEU A 344 21.38 -0.38 -12.50
C LEU A 344 21.15 0.76 -13.49
N THR A 345 19.92 0.88 -13.98
CA THR A 345 19.46 2.02 -14.76
C THR A 345 18.05 2.42 -14.25
N TRP A 346 17.71 3.70 -14.36
CA TRP A 346 16.44 4.25 -13.87
C TRP A 346 15.87 5.34 -14.76
N GLN A 347 14.56 5.57 -14.62
CA GLN A 347 13.90 6.66 -15.33
C GLN A 347 14.39 8.04 -14.87
N THR A 348 14.66 8.90 -15.85
CA THR A 348 15.01 10.31 -15.62
C THR A 348 13.80 11.13 -16.06
N ALA A 349 13.88 12.46 -16.00
CA ALA A 349 12.73 13.30 -16.41
C ALA A 349 12.11 12.87 -17.74
N SER A 350 12.92 12.56 -18.75
CA SER A 350 12.41 12.15 -20.06
C SER A 350 13.16 11.03 -20.81
N SER A 351 14.10 10.36 -20.14
CA SER A 351 14.86 9.26 -20.72
C SER A 351 15.15 8.23 -19.63
N TRP A 352 16.23 7.45 -19.78
CA TRP A 352 16.75 6.57 -18.74
C TRP A 352 18.21 6.83 -18.51
N SER A 353 18.68 6.57 -17.30
CA SER A 353 20.05 6.87 -16.92
C SER A 353 21.04 5.87 -17.52
N PRO A 354 22.30 6.30 -17.71
CA PRO A 354 23.29 5.34 -18.21
C PRO A 354 23.46 4.22 -17.20
N TRP A 355 23.60 2.99 -17.66
CA TRP A 355 23.85 1.86 -16.76
C TRP A 355 25.04 2.15 -15.86
N ILE A 356 24.87 1.93 -14.55
CA ILE A 356 25.96 2.08 -13.56
C ILE A 356 26.11 0.76 -12.79
N SER A 357 27.33 0.47 -12.35
CA SER A 357 27.61 -0.75 -11.61
C SER A 357 27.48 -0.55 -10.11
N LEU A 358 26.78 -1.47 -9.46
CA LEU A 358 26.78 -1.61 -8.00
C LEU A 358 27.80 -2.60 -7.50
N GLY A 359 28.62 -3.16 -8.39
CA GLY A 359 29.66 -4.08 -7.98
C GLY A 359 29.10 -5.42 -7.52
N GLY A 360 29.92 -6.12 -6.74
CA GLY A 360 29.65 -7.47 -6.30
C GLY A 360 29.90 -8.50 -7.38
N VAL A 361 29.90 -9.78 -6.98
CA VAL A 361 29.88 -10.89 -7.94
C VAL A 361 28.73 -11.81 -7.55
N LEU A 362 27.74 -11.92 -8.43
CA LEU A 362 26.53 -12.68 -8.14
C LEU A 362 26.38 -13.92 -9.02
N ILE A 363 25.84 -14.98 -8.44
CA ILE A 363 25.52 -16.19 -9.18
C ILE A 363 24.01 -16.39 -9.25
N ASP A 364 23.58 -17.15 -10.26
CA ASP A 364 22.21 -17.57 -10.41
C ASP A 364 22.03 -18.89 -9.67
N ALA A 365 21.43 -18.83 -8.48
CA ALA A 365 21.23 -20.03 -7.68
C ALA A 365 19.78 -20.56 -7.76
N SER A 366 19.03 -20.14 -8.79
CA SER A 366 17.62 -20.52 -8.96
C SER A 366 17.50 -22.03 -8.90
N ALA A 367 16.52 -22.52 -8.14
CA ALA A 367 16.29 -23.97 -7.97
C ALA A 367 15.82 -24.67 -9.24
N ILE A 368 15.18 -23.92 -10.14
CA ILE A 368 14.69 -24.42 -11.43
C ILE A 368 15.24 -23.47 -12.48
N LYS A 369 16.00 -24.02 -13.41
CA LYS A 369 16.58 -23.21 -14.49
C LYS A 369 15.93 -23.62 -15.79
N THR B 26 -13.80 24.96 20.29
CA THR B 26 -13.72 25.43 18.87
C THR B 26 -12.51 24.81 18.14
N ILE B 27 -12.76 24.37 16.91
CA ILE B 27 -11.72 23.97 15.96
C ILE B 27 -12.10 24.55 14.60
N ALA B 28 -11.08 24.77 13.76
CA ALA B 28 -11.29 25.16 12.38
C ALA B 28 -12.32 24.27 11.66
N LEU B 29 -13.10 24.89 10.79
CA LEU B 29 -14.13 24.23 9.99
C LEU B 29 -13.62 22.92 9.40
N SER B 30 -14.39 21.87 9.63
CA SER B 30 -14.01 20.50 9.29
C SER B 30 -14.19 20.17 7.81
N GLU B 31 -13.59 19.05 7.41
CA GLU B 31 -13.92 18.36 6.16
C GLU B 31 -15.39 17.92 6.18
N ILE B 32 -16.03 17.94 5.03
CA ILE B 32 -17.45 17.67 4.89
C ILE B 32 -17.72 16.19 4.48
N VAL B 33 -16.69 15.50 4.01
CA VAL B 33 -16.81 14.12 3.54
C VAL B 33 -15.61 13.31 3.99
N SER B 34 -15.81 12.00 4.03
CA SER B 34 -14.76 11.01 4.17
C SER B 34 -14.59 10.35 2.80
N VAL B 35 -13.36 10.19 2.33
CA VAL B 35 -13.10 9.66 0.99
C VAL B 35 -12.16 8.46 1.10
N VAL B 36 -12.28 7.54 0.15
CA VAL B 36 -11.39 6.38 0.07
C VAL B 36 -11.15 6.00 -1.40
N ASN B 37 -10.00 5.38 -1.68
CA ASN B 37 -9.73 4.71 -2.98
CA ASN B 37 -9.77 4.68 -2.96
C ASN B 37 -10.11 3.24 -2.73
N THR B 38 -11.15 2.78 -3.39
CA THR B 38 -11.65 1.41 -3.23
C THR B 38 -10.64 0.41 -3.74
N SER B 39 -10.90 -0.86 -3.46
CA SER B 39 -10.00 -1.94 -3.88
C SER B 39 -9.89 -2.11 -5.41
N ASP B 40 -10.90 -1.61 -6.14
CA ASP B 40 -10.85 -1.55 -7.61
C ASP B 40 -10.57 -0.14 -8.18
N GLY B 41 -9.98 0.75 -7.37
CA GLY B 41 -9.35 1.97 -7.87
C GLY B 41 -10.29 3.13 -8.14
N ARG B 42 -11.47 3.12 -7.52
CA ARG B 42 -12.47 4.18 -7.69
C ARG B 42 -12.54 5.01 -6.42
N LEU B 43 -12.68 6.32 -6.55
CA LEU B 43 -12.90 7.18 -5.39
C LEU B 43 -14.34 7.05 -4.97
N GLU B 44 -14.55 7.00 -3.66
CA GLU B 44 -15.88 6.97 -3.10
C GLU B 44 -15.92 7.88 -1.89
N VAL B 45 -16.90 8.77 -1.85
CA VAL B 45 -17.05 9.78 -0.80
C VAL B 45 -18.31 9.54 0.01
N PHE B 46 -18.23 9.86 1.29
CA PHE B 46 -19.32 9.67 2.25
C PHE B 46 -19.55 10.96 3.00
N GLY B 47 -20.80 11.35 3.15
CA GLY B 47 -21.16 12.60 3.80
C GLY B 47 -22.49 12.46 4.52
N VAL B 48 -22.91 13.53 5.19
CA VAL B 48 -24.20 13.55 5.85
C VAL B 48 -25.16 14.50 5.12
N GLY B 49 -26.34 13.98 4.82
CA GLY B 49 -27.40 14.74 4.17
C GLY B 49 -28.22 15.56 5.16
N THR B 50 -29.15 16.33 4.61
CA THR B 50 -30.07 17.15 5.40
C THR B 50 -31.02 16.28 6.21
N ASP B 51 -31.25 15.05 5.76
CA ASP B 51 -32.04 14.08 6.55
C ASP B 51 -31.27 13.39 7.69
N LYS B 52 -30.00 13.77 7.92
CA LYS B 52 -29.09 13.10 8.87
C LYS B 52 -28.65 11.69 8.49
N ALA B 53 -29.03 11.19 7.31
CA ALA B 53 -28.53 9.89 6.82
C ALA B 53 -27.11 10.03 6.24
N VAL B 54 -26.41 8.89 6.13
CA VAL B 54 -25.13 8.87 5.44
C VAL B 54 -25.42 8.65 3.96
N TRP B 55 -24.92 9.55 3.12
CA TRP B 55 -25.00 9.45 1.67
C TRP B 55 -23.61 9.24 1.08
N HIS B 56 -23.59 8.60 -0.08
CA HIS B 56 -22.33 8.33 -0.76
C HIS B 56 -22.44 8.43 -2.27
N ASN B 57 -21.28 8.56 -2.89
CA ASN B 57 -21.16 8.84 -4.31
C ASN B 57 -19.80 8.25 -4.70
N ARG B 58 -19.75 7.59 -5.84
CA ARG B 58 -18.54 6.90 -6.25
C ARG B 58 -18.31 6.97 -7.75
N GLN B 59 -17.04 6.96 -8.14
CA GLN B 59 -16.67 6.96 -9.57
C GLN B 59 -17.10 5.65 -10.22
N MET B 60 -17.56 5.76 -11.45
CA MET B 60 -17.88 4.57 -12.23
C MET B 60 -16.60 3.86 -12.66
N ALA B 61 -15.57 4.64 -12.93
CA ALA B 61 -14.34 4.16 -13.56
C ALA B 61 -13.14 4.60 -12.76
N PRO B 62 -12.05 3.79 -12.80
CA PRO B 62 -10.85 4.13 -12.03
C PRO B 62 -9.91 5.15 -12.74
N HIS B 63 -10.40 6.37 -12.95
CA HIS B 63 -9.66 7.42 -13.69
C HIS B 63 -10.08 8.80 -13.25
N THR B 64 -9.12 9.71 -13.34
CA THR B 64 -9.38 11.11 -13.15
C THR B 64 -10.49 11.54 -14.10
N GLY B 65 -11.46 12.26 -13.57
CA GLY B 65 -12.57 12.75 -14.38
C GLY B 65 -13.64 11.74 -14.75
N SER B 66 -13.62 10.56 -14.11
CA SER B 66 -14.66 9.55 -14.33
C SER B 66 -16.01 10.15 -14.03
N PRO B 67 -17.07 9.75 -14.75
CA PRO B 67 -18.43 10.09 -14.28
C PRO B 67 -18.70 9.49 -12.88
N TRP B 68 -19.65 10.08 -12.17
CA TRP B 68 -20.00 9.69 -10.81
C TRP B 68 -21.36 9.02 -10.76
N SER B 69 -21.54 8.14 -9.78
CA SER B 69 -22.82 7.50 -9.53
C SER B 69 -23.96 8.48 -9.30
N GLY B 70 -23.66 9.58 -8.63
CA GLY B 70 -24.70 10.38 -7.98
C GLY B 70 -24.84 9.95 -6.54
N TRP B 71 -25.48 10.81 -5.76
CA TRP B 71 -25.68 10.60 -4.35
C TRP B 71 -26.79 9.60 -4.13
N SER B 72 -26.51 8.58 -3.30
CA SER B 72 -27.52 7.67 -2.81
C SER B 72 -27.33 7.47 -1.31
N SER B 73 -28.39 7.01 -0.65
CA SER B 73 -28.44 6.99 0.81
C SER B 73 -28.15 5.61 1.35
N LEU B 74 -27.32 5.58 2.39
CA LEU B 74 -27.13 4.37 3.21
C LEU B 74 -28.03 4.37 4.46
N LYS B 75 -28.94 5.34 4.53
CA LYS B 75 -29.85 5.49 5.66
C LYS B 75 -29.06 5.80 6.96
N GLY B 76 -29.64 5.42 8.10
CA GLY B 76 -29.13 5.79 9.38
C GLY B 76 -29.52 7.20 9.76
N GLN B 77 -29.37 7.49 11.05
CA GLN B 77 -29.36 8.88 11.52
C GLN B 77 -28.09 9.06 12.32
N VAL B 78 -27.20 9.92 11.83
CA VAL B 78 -25.91 10.12 12.47
C VAL B 78 -25.72 11.50 13.08
N THR B 79 -24.81 11.55 14.05
CA THR B 79 -24.50 12.73 14.89
C THR B 79 -22.98 12.98 14.97
N SER B 80 -22.23 12.46 13.98
CA SER B 80 -20.80 12.74 13.80
C SER B 80 -20.53 12.75 12.31
N LYS B 81 -19.36 13.18 11.93
CA LYS B 81 -18.84 12.88 10.61
C LYS B 81 -18.84 11.35 10.43
N PRO B 82 -19.27 10.85 9.27
CA PRO B 82 -19.16 9.44 8.95
C PRO B 82 -17.78 9.19 8.34
N VAL B 83 -17.11 8.16 8.82
CA VAL B 83 -15.75 7.90 8.42
C VAL B 83 -15.66 6.50 7.84
N VAL B 84 -15.27 6.44 6.56
CA VAL B 84 -15.08 5.16 5.88
C VAL B 84 -13.66 4.67 6.10
N TYR B 85 -13.51 3.35 6.18
CA TYR B 85 -12.23 2.68 6.18
C TYR B 85 -12.32 1.40 5.35
N ILE B 86 -11.21 1.04 4.69
CA ILE B 86 -11.16 -0.19 3.87
C ILE B 86 -10.55 -1.30 4.72
N ASN B 87 -11.31 -2.38 4.88
CA ASN B 87 -10.79 -3.57 5.57
C ASN B 87 -9.72 -4.18 4.69
N THR B 88 -8.92 -5.04 5.28
CA THR B 88 -7.79 -5.60 4.57
C THR B 88 -8.22 -6.65 3.53
N ASP B 89 -9.49 -7.04 3.57
CA ASP B 89 -10.11 -7.85 2.50
C ASP B 89 -10.83 -7.01 1.45
N GLY B 90 -10.61 -5.68 1.46
CA GLY B 90 -11.19 -4.75 0.51
C GLY B 90 -12.59 -4.23 0.75
N ARG B 91 -13.29 -4.72 1.78
CA ARG B 91 -14.66 -4.30 2.06
C ARG B 91 -14.65 -2.97 2.82
N LEU B 92 -15.43 -2.03 2.32
CA LEU B 92 -15.57 -0.74 2.95
C LEU B 92 -16.43 -0.90 4.20
N GLU B 93 -16.09 -0.12 5.20
CA GLU B 93 -16.83 -0.07 6.44
C GLU B 93 -16.91 1.39 6.90
N VAL B 94 -18.13 1.82 7.23
CA VAL B 94 -18.42 3.21 7.63
C VAL B 94 -18.76 3.22 9.11
N PHE B 95 -18.11 4.11 9.82
CA PHE B 95 -18.32 4.31 11.25
C PHE B 95 -18.90 5.69 11.49
N ALA B 96 -19.79 5.77 12.46
CA ALA B 96 -20.40 7.06 12.80
C ALA B 96 -21.09 6.99 14.14
N ARG B 97 -21.14 8.13 14.82
CA ARG B 97 -21.92 8.22 16.05
C ARG B 97 -23.41 8.25 15.71
N GLY B 98 -24.20 7.54 16.50
CA GLY B 98 -25.65 7.51 16.33
C GLY B 98 -26.40 8.49 17.23
N THR B 99 -27.74 8.47 17.12
CA THR B 99 -28.61 9.35 17.94
C THR B 99 -28.62 9.01 19.42
N ASP B 100 -28.22 7.80 19.78
CA ASP B 100 -28.03 7.40 21.17
C ASP B 100 -26.59 7.61 21.63
N ASN B 101 -25.79 8.33 20.84
CA ASN B 101 -24.36 8.55 21.11
C ASN B 101 -23.47 7.28 21.18
N ALA B 102 -23.99 6.13 20.79
CA ALA B 102 -23.14 4.94 20.57
C ALA B 102 -22.36 5.06 19.25
N LEU B 103 -21.33 4.24 19.13
CA LEU B 103 -20.67 4.03 17.85
C LEU B 103 -21.51 3.06 17.05
N TRP B 104 -21.80 3.41 15.79
CA TRP B 104 -22.52 2.55 14.87
C TRP B 104 -21.67 2.29 13.63
N HIS B 105 -21.97 1.20 12.94
CA HIS B 105 -21.27 0.90 11.71
C HIS B 105 -22.10 0.12 10.71
N ILE B 106 -21.63 0.21 9.47
CA ILE B 106 -22.24 -0.45 8.33
C ILE B 106 -21.10 -0.85 7.40
N TRP B 107 -21.23 -2.00 6.75
CA TRP B 107 -20.15 -2.55 5.97
C TRP B 107 -20.64 -3.26 4.71
N GLN B 108 -19.76 -3.30 3.71
CA GLN B 108 -20.06 -4.11 2.53
C GLN B 108 -19.99 -5.59 2.87
N THR B 109 -20.93 -6.37 2.36
CA THR B 109 -20.94 -7.80 2.59
C THR B 109 -19.86 -8.48 1.75
N ALA B 110 -19.52 -7.86 0.61
CA ALA B 110 -18.41 -8.28 -0.22
C ALA B 110 -17.96 -7.07 -1.02
N THR B 111 -16.75 -7.16 -1.56
CA THR B 111 -16.09 -6.02 -2.21
C THR B 111 -16.90 -5.29 -3.29
N ASN B 112 -17.61 -6.02 -4.13
N ASN B 112 -17.60 -6.13 -4.07
CA ASN B 112 -18.46 -5.35 -5.12
CA ASN B 112 -18.41 -5.74 -5.22
C ASN B 112 -19.87 -5.91 -4.99
C ASN B 112 -19.90 -5.97 -5.00
N ALA B 113 -20.37 -5.80 -3.77
CA ALA B 113 -21.72 -6.19 -3.42
C ALA B 113 -22.33 -5.10 -2.55
N GLY B 114 -23.40 -5.46 -1.84
CA GLY B 114 -24.20 -4.54 -1.09
C GLY B 114 -23.73 -4.35 0.32
N TRP B 115 -24.55 -3.63 1.07
CA TRP B 115 -24.21 -3.24 2.41
C TRP B 115 -25.01 -4.03 3.44
N SER B 116 -24.45 -4.16 4.64
CA SER B 116 -25.16 -4.71 5.78
C SER B 116 -26.22 -3.71 6.26
N ASN B 117 -26.99 -4.13 7.26
CA ASN B 117 -27.75 -3.19 8.09
C ASN B 117 -26.80 -2.41 8.98
N TRP B 118 -27.22 -1.21 9.37
CA TRP B 118 -26.57 -0.49 10.47
C TRP B 118 -26.63 -1.34 11.73
N GLN B 119 -25.54 -1.35 12.50
CA GLN B 119 -25.44 -2.15 13.70
CA GLN B 119 -25.46 -2.14 13.72
C GLN B 119 -24.67 -1.36 14.75
N SER B 120 -25.03 -1.49 16.02
CA SER B 120 -24.40 -0.72 17.09
C SER B 120 -23.18 -1.45 17.65
N LEU B 121 -22.11 -0.70 17.89
CA LEU B 121 -20.98 -1.17 18.70
C LEU B 121 -21.03 -0.64 20.12
N GLY B 122 -22.16 -0.04 20.51
CA GLY B 122 -22.29 0.40 21.87
C GLY B 122 -21.40 1.57 22.23
N GLY B 123 -21.19 1.73 23.54
CA GLY B 123 -20.44 2.84 24.09
C GLY B 123 -21.20 4.15 24.01
N VAL B 124 -20.58 5.19 24.56
CA VAL B 124 -21.09 6.55 24.46
C VAL B 124 -19.88 7.38 24.07
N ILE B 125 -19.97 8.06 22.93
CA ILE B 125 -18.82 8.80 22.39
C ILE B 125 -19.16 10.26 22.12
N THR B 126 -18.12 11.09 22.13
CA THR B 126 -18.21 12.54 22.03
C THR B 126 -17.28 13.17 20.99
N SER B 127 -16.89 12.37 20.00
CA SER B 127 -16.05 12.83 18.90
C SER B 127 -16.38 12.02 17.66
N ASN B 128 -15.87 12.45 16.53
CA ASN B 128 -15.91 11.59 15.35
C ASN B 128 -15.04 10.37 15.65
N PRO B 129 -15.35 9.22 15.04
CA PRO B 129 -14.47 8.07 15.20
C PRO B 129 -13.25 8.20 14.33
N ALA B 130 -12.14 7.63 14.80
CA ALA B 130 -10.92 7.52 14.04
C ALA B 130 -10.57 6.03 13.95
N ILE B 131 -10.19 5.59 12.75
CA ILE B 131 -10.01 4.15 12.48
C ILE B 131 -8.67 3.86 11.82
N TYR B 132 -8.07 2.74 12.19
CA TYR B 132 -6.94 2.18 11.45
C TYR B 132 -6.91 0.67 11.61
N ALA B 133 -6.35 0.00 10.60
CA ALA B 133 -6.06 -1.43 10.66
C ALA B 133 -4.75 -1.69 11.41
N ASN B 134 -4.80 -2.55 12.42
CA ASN B 134 -3.58 -3.15 12.97
C ASN B 134 -2.87 -4.04 11.92
N THR B 135 -1.63 -4.40 12.22
CA THR B 135 -0.82 -5.21 11.31
C THR B 135 -1.38 -6.61 11.13
N ASP B 136 -2.27 -7.01 12.04
CA ASP B 136 -2.98 -8.27 11.98
C ASP B 136 -4.34 -8.21 11.30
N GLY B 137 -4.64 -7.09 10.62
CA GLY B 137 -5.90 -6.91 9.89
C GLY B 137 -7.12 -6.57 10.72
N ARG B 138 -6.95 -6.39 12.04
CA ARG B 138 -8.07 -6.06 12.95
CA ARG B 138 -8.07 -6.06 12.91
C ARG B 138 -8.23 -4.56 12.95
N LEU B 139 -9.39 -4.07 12.54
CA LEU B 139 -9.67 -2.65 12.65
C LEU B 139 -9.76 -2.26 14.13
N GLU B 140 -9.27 -1.06 14.43
CA GLU B 140 -9.36 -0.47 15.77
C GLU B 140 -9.86 0.95 15.61
N VAL B 141 -10.89 1.24 16.40
CA VAL B 141 -11.62 2.50 16.36
C VAL B 141 -11.36 3.26 17.65
N PHE B 142 -11.13 4.56 17.49
CA PHE B 142 -10.82 5.44 18.60
C PHE B 142 -11.85 6.56 18.63
N ALA B 143 -12.33 6.93 19.81
CA ALA B 143 -13.25 8.05 19.94
C ALA B 143 -13.17 8.62 21.35
N ARG B 144 -13.45 9.91 21.48
CA ARG B 144 -13.52 10.54 22.79
C ARG B 144 -14.76 10.01 23.56
N GLY B 145 -14.63 9.87 24.89
CA GLY B 145 -15.73 9.43 25.78
C GLY B 145 -16.42 10.62 26.45
N ALA B 146 -17.48 10.36 27.21
CA ALA B 146 -18.17 11.42 27.96
C ALA B 146 -17.26 12.03 29.05
N ASP B 147 -16.34 11.22 29.56
CA ASP B 147 -15.26 11.72 30.46
C ASP B 147 -14.11 12.52 29.77
N ASN B 148 -14.23 12.72 28.45
CA ASN B 148 -13.23 13.38 27.61
C ASN B 148 -11.88 12.65 27.47
N ALA B 149 -11.85 11.39 27.88
CA ALA B 149 -10.76 10.47 27.60
C ALA B 149 -10.88 9.86 26.20
N LEU B 150 -9.76 9.24 25.78
CA LEU B 150 -9.71 8.51 24.52
C LEU B 150 -10.05 7.08 24.80
N TRP B 151 -11.03 6.58 24.06
CA TRP B 151 -11.47 5.21 24.21
C TRP B 151 -11.23 4.48 22.90
N HIS B 152 -11.16 3.17 23.00
CA HIS B 152 -10.95 2.33 21.82
C HIS B 152 -11.61 0.95 21.91
N ILE B 153 -11.82 0.38 20.72
CA ILE B 153 -12.49 -0.91 20.53
C ILE B 153 -11.94 -1.49 19.23
N SER B 154 -11.85 -2.82 19.14
CA SER B 154 -11.28 -3.44 17.94
C SER B 154 -12.00 -4.72 17.50
N GLN B 155 -11.83 -5.06 16.24
CA GLN B 155 -12.22 -6.37 15.75
C GLN B 155 -11.43 -7.45 16.48
N THR B 156 -12.07 -8.54 16.86
CA THR B 156 -11.36 -9.68 17.50
C THR B 156 -10.55 -10.54 16.52
N THR B 157 -10.93 -10.58 15.24
CA THR B 157 -10.12 -11.25 14.21
C THR B 157 -10.14 -10.38 12.95
N ALA B 158 -9.26 -10.66 12.00
CA ALA B 158 -9.04 -9.76 10.86
C ALA B 158 -10.34 -9.50 10.10
N HIS B 159 -10.62 -8.22 9.84
CA HIS B 159 -11.78 -7.77 9.02
C HIS B 159 -13.08 -8.49 9.38
N SER B 160 -13.33 -8.66 10.67
CA SER B 160 -14.50 -9.40 11.13
C SER B 160 -14.86 -9.07 12.55
N GLY B 161 -16.16 -9.13 12.81
CA GLY B 161 -16.69 -9.23 14.16
C GLY B 161 -16.53 -10.64 14.72
N PRO B 162 -16.81 -10.85 16.01
CA PRO B 162 -17.31 -9.80 16.90
C PRO B 162 -16.19 -8.86 17.32
N TRP B 163 -16.57 -7.77 17.96
CA TRP B 163 -15.62 -6.78 18.41
C TRP B 163 -15.31 -6.99 19.86
N SER B 164 -14.21 -6.40 20.29
CA SER B 164 -13.76 -6.41 21.68
C SER B 164 -14.71 -5.54 22.49
N SER B 165 -14.51 -5.54 23.79
CA SER B 165 -15.13 -4.55 24.65
CA SER B 165 -15.13 -4.55 24.65
C SER B 165 -14.35 -3.25 24.49
N TRP B 166 -15.04 -2.13 24.72
CA TRP B 166 -14.44 -0.82 24.79
C TRP B 166 -13.52 -0.79 25.98
N ALA B 167 -12.45 -0.01 25.86
CA ALA B 167 -11.56 0.29 26.97
C ALA B 167 -10.99 1.69 26.78
N SER B 168 -10.43 2.24 27.85
CA SER B 168 -9.93 3.63 27.84
C SER B 168 -8.42 3.73 27.80
N LEU B 169 -7.93 4.75 27.09
CA LEU B 169 -6.54 5.19 27.08
C LEU B 169 -6.35 6.51 27.83
N ASN B 170 -7.38 6.89 28.59
CA ASN B 170 -7.32 8.03 29.51
C ASN B 170 -6.98 9.31 28.77
N GLY B 171 -6.37 10.27 29.46
CA GLY B 171 -6.14 11.60 28.92
C GLY B 171 -7.41 12.45 28.98
N VAL B 172 -7.25 13.73 28.65
CA VAL B 172 -8.37 14.66 28.50
C VAL B 172 -8.17 15.41 27.20
N ILE B 173 -9.03 15.17 26.21
CA ILE B 173 -8.78 15.72 24.87
C ILE B 173 -9.89 16.66 24.40
N THR B 174 -9.52 17.61 23.56
CA THR B 174 -10.41 18.70 23.17
C THR B 174 -10.58 18.85 21.65
N SER B 175 -10.14 17.86 20.88
CA SER B 175 -10.38 17.82 19.44
C SER B 175 -10.82 16.42 19.08
N ASN B 176 -11.17 16.23 17.83
CA ASN B 176 -11.31 14.87 17.34
C ASN B 176 -9.92 14.21 17.35
N PRO B 177 -9.85 12.90 17.65
CA PRO B 177 -8.56 12.21 17.59
C PRO B 177 -8.24 11.79 16.17
N THR B 178 -6.95 11.57 15.90
CA THR B 178 -6.50 11.11 14.59
C THR B 178 -5.50 10.00 14.85
N VAL B 179 -5.66 8.91 14.10
CA VAL B 179 -4.80 7.74 14.27
C VAL B 179 -4.05 7.46 12.99
N HIS B 180 -2.84 6.96 13.13
CA HIS B 180 -2.09 6.47 12.00
C HIS B 180 -1.12 5.41 12.46
N ILE B 181 -0.88 4.42 11.60
CA ILE B 181 0.09 3.39 11.90
C ILE B 181 1.50 3.92 11.61
N ASN B 182 2.42 3.56 12.48
CA ASN B 182 3.85 3.76 12.25
C ASN B 182 4.37 2.75 11.23
N SER B 183 5.55 3.06 10.69
CA SER B 183 6.25 2.20 9.73
C SER B 183 6.79 0.89 10.34
N ASP B 184 6.74 0.76 11.67
CA ASP B 184 6.99 -0.51 12.37
C ASP B 184 5.71 -1.20 12.87
N GLY B 185 4.55 -0.74 12.44
CA GLY B 185 3.31 -1.42 12.78
C GLY B 185 2.58 -0.94 14.02
N ARG B 186 3.14 0.02 14.76
CA ARG B 186 2.52 0.50 16.01
C ARG B 186 1.53 1.63 15.70
N LEU B 187 0.28 1.51 16.16
CA LEU B 187 -0.70 2.60 16.03
C LEU B 187 -0.32 3.74 16.95
N GLU B 188 -0.67 4.95 16.51
CA GLU B 188 -0.37 6.15 17.25
C GLU B 188 -1.50 7.15 17.05
N VAL B 189 -1.93 7.75 18.15
CA VAL B 189 -3.10 8.59 18.16
C VAL B 189 -2.70 9.99 18.58
N PHE B 190 -3.29 10.96 17.91
CA PHE B 190 -3.01 12.38 18.15
C PHE B 190 -4.31 13.12 18.43
N ALA B 191 -4.27 14.07 19.37
CA ALA B 191 -5.43 14.89 19.74
C ALA B 191 -4.98 16.17 20.46
N ARG B 192 -5.74 17.24 20.30
CA ARG B 192 -5.49 18.47 21.08
C ARG B 192 -5.81 18.18 22.54
N GLY B 193 -4.97 18.69 23.45
CA GLY B 193 -5.18 18.57 24.90
C GLY B 193 -5.86 19.79 25.50
N THR B 194 -6.01 19.79 26.81
CA THR B 194 -6.67 20.91 27.53
C THR B 194 -5.82 22.18 27.61
N ASP B 195 -4.52 22.05 27.37
CA ASP B 195 -3.63 23.21 27.25
C ASP B 195 -3.50 23.67 25.79
N ASN B 196 -4.35 23.12 24.92
CA ASN B 196 -4.30 23.36 23.46
C ASN B 196 -3.06 22.90 22.68
N ALA B 197 -2.20 22.14 23.35
CA ALA B 197 -1.04 21.57 22.69
C ALA B 197 -1.46 20.30 21.94
N LEU B 198 -0.60 19.86 21.04
CA LEU B 198 -0.79 18.56 20.36
C LEU B 198 -0.24 17.49 21.29
N TRP B 199 -1.07 16.52 21.63
CA TRP B 199 -0.67 15.38 22.44
C TRP B 199 -0.77 14.07 21.65
N HIS B 200 -0.01 13.08 22.11
CA HIS B 200 -0.03 11.75 21.46
C HIS B 200 0.25 10.60 22.40
N ILE B 201 -0.11 9.42 21.91
CA ILE B 201 -0.02 8.20 22.65
C ILE B 201 0.09 7.07 21.63
N TRP B 202 0.85 6.03 21.97
CA TRP B 202 1.16 4.98 20.99
C TRP B 202 1.20 3.60 21.58
N GLN B 203 0.85 2.64 20.73
CA GLN B 203 1.14 1.22 20.98
C GLN B 203 2.62 1.01 21.27
N THR B 204 2.92 0.15 22.22
CA THR B 204 4.32 -0.24 22.49
C THR B 204 4.76 -1.39 21.60
N ALA B 205 3.79 -2.08 21.01
CA ALA B 205 4.08 -3.19 20.09
C ALA B 205 2.91 -3.30 19.13
N PRO B 206 3.16 -3.68 17.86
CA PRO B 206 2.00 -3.88 16.96
C PRO B 206 0.96 -4.83 17.55
N ASP B 207 -0.31 -4.61 17.19
CA ASP B 207 -1.45 -5.46 17.58
C ASP B 207 -1.71 -5.51 19.09
N SER B 208 -1.07 -4.62 19.85
CA SER B 208 -0.99 -4.74 21.29
C SER B 208 -2.12 -3.96 21.96
N ASN B 209 -2.52 -4.38 23.15
CA ASN B 209 -3.33 -3.52 24.03
C ASN B 209 -2.44 -2.76 25.07
N LEU B 210 -1.13 -2.76 24.90
CA LEU B 210 -0.23 -2.02 25.80
C LEU B 210 0.22 -0.78 25.06
N TRP B 211 -0.05 0.36 25.69
CA TRP B 211 0.22 1.66 25.15
C TRP B 211 1.17 2.46 26.05
N SER B 212 1.80 3.46 25.48
CA SER B 212 2.63 4.42 26.22
C SER B 212 1.75 5.31 27.09
N SER B 213 2.38 6.19 27.87
CA SER B 213 1.68 7.31 28.49
C SER B 213 1.37 8.35 27.44
N TRP B 214 0.41 9.22 27.74
CA TRP B 214 0.20 10.43 26.93
C TRP B 214 1.44 11.32 27.05
N GLU B 215 1.83 11.94 25.94
CA GLU B 215 2.95 12.88 25.90
C GLU B 215 2.60 14.07 25.05
N SER B 216 3.13 15.21 25.45
CA SER B 216 2.88 16.46 24.75
C SER B 216 3.90 16.70 23.67
N LEU B 217 3.45 17.18 22.50
CA LEU B 217 4.32 17.74 21.46
C LEU B 217 4.23 19.29 21.42
N ASN B 218 3.65 19.86 22.47
CA ASN B 218 3.59 21.32 22.66
C ASN B 218 2.88 22.04 21.52
N GLY B 219 3.21 23.32 21.34
CA GLY B 219 2.59 24.17 20.35
C GLY B 219 1.16 24.52 20.76
N ILE B 220 0.49 25.30 19.93
CA ILE B 220 -0.94 25.55 20.07
C ILE B 220 -1.61 25.16 18.76
N ILE B 221 -2.62 24.29 18.81
CA ILE B 221 -3.37 23.95 17.60
C ILE B 221 -4.81 24.39 17.71
N THR B 222 -5.32 24.88 16.58
CA THR B 222 -6.65 25.41 16.44
C THR B 222 -7.43 24.70 15.31
N SER B 223 -6.99 23.48 14.96
CA SER B 223 -7.75 22.57 14.10
C SER B 223 -7.49 21.18 14.63
N ASP B 224 -8.28 20.23 14.17
CA ASP B 224 -7.93 18.82 14.37
C ASP B 224 -6.54 18.57 13.74
N PRO B 225 -5.78 17.61 14.30
CA PRO B 225 -4.53 17.23 13.63
C PRO B 225 -4.77 16.37 12.40
N VAL B 226 -3.93 16.56 11.39
CA VAL B 226 -3.92 15.68 10.22
C VAL B 226 -2.58 14.96 10.24
N VAL B 227 -2.59 13.64 10.05
CA VAL B 227 -1.39 12.82 10.24
C VAL B 227 -1.10 12.00 8.99
N ILE B 228 0.16 12.02 8.58
CA ILE B 228 0.62 11.35 7.36
C ILE B 228 1.80 10.51 7.76
N ASP B 229 2.03 9.39 7.06
CA ASP B 229 3.30 8.68 7.18
C ASP B 229 4.05 9.00 5.89
N THR B 230 5.22 9.61 6.03
CA THR B 230 5.97 10.04 4.83
C THR B 230 6.50 8.84 4.07
N ALA B 231 6.98 9.10 2.86
CA ALA B 231 7.69 8.05 2.10
C ALA B 231 8.86 7.38 2.85
N ASP B 232 9.50 8.10 3.77
CA ASP B 232 10.59 7.52 4.55
C ASP B 232 10.18 7.02 5.95
N GLY B 233 8.89 6.79 6.11
CA GLY B 233 8.37 6.10 7.28
C GLY B 233 8.33 6.92 8.54
N ARG B 234 8.24 8.24 8.41
CA ARG B 234 8.14 9.14 9.56
C ARG B 234 6.73 9.72 9.63
N LEU B 235 6.11 9.64 10.80
CA LEU B 235 4.82 10.32 11.02
C LEU B 235 5.05 11.81 11.01
N GLU B 236 4.17 12.52 10.30
CA GLU B 236 4.21 13.97 10.22
C GLU B 236 2.81 14.47 10.49
N VAL B 237 2.68 15.45 11.38
CA VAL B 237 1.36 15.98 11.77
C VAL B 237 1.20 17.43 11.29
N PHE B 238 0.04 17.74 10.70
CA PHE B 238 -0.28 19.09 10.24
C PHE B 238 -1.43 19.64 11.06
N ALA B 239 -1.35 20.90 11.45
CA ALA B 239 -2.47 21.55 12.13
C ALA B 239 -2.41 23.06 11.95
N ARG B 240 -3.58 23.70 12.00
CA ARG B 240 -3.62 25.16 12.05
C ARG B 240 -3.08 25.64 13.40
N GLY B 241 -2.33 26.75 13.39
CA GLY B 241 -1.75 27.30 14.61
C GLY B 241 -2.58 28.45 15.19
N ALA B 242 -2.13 28.96 16.33
CA ALA B 242 -2.72 30.15 16.98
C ALA B 242 -2.72 31.39 16.05
N ASP B 243 -1.69 31.51 15.22
CA ASP B 243 -1.59 32.56 14.20
C ASP B 243 -2.35 32.25 12.89
N ASN B 244 -3.14 31.16 12.88
CA ASN B 244 -3.85 30.66 11.71
C ASN B 244 -3.02 30.28 10.49
N ALA B 245 -1.71 30.11 10.68
CA ALA B 245 -0.89 29.55 9.64
C ALA B 245 -1.01 28.02 9.69
N LEU B 246 -0.58 27.36 8.62
CA LEU B 246 -0.43 25.92 8.61
C LEU B 246 0.91 25.61 9.22
N TRP B 247 0.87 24.79 10.26
CA TRP B 247 2.06 24.31 10.92
C TRP B 247 2.18 22.79 10.79
N HIS B 248 3.40 22.29 10.98
CA HIS B 248 3.65 20.85 10.96
C HIS B 248 4.85 20.49 11.84
N ILE B 249 4.88 19.21 12.21
CA ILE B 249 5.87 18.66 13.13
C ILE B 249 6.01 17.16 12.78
N TRP B 250 7.18 16.57 12.99
CA TRP B 250 7.43 15.19 12.52
C TRP B 250 8.41 14.41 13.36
N GLN B 251 8.25 13.09 13.29
CA GLN B 251 9.28 12.17 13.77
C GLN B 251 10.53 12.44 12.93
N THR B 252 11.70 12.54 13.57
CA THR B 252 12.96 12.76 12.85
C THR B 252 13.60 11.45 12.37
N ILE B 253 13.13 10.33 12.90
CA ILE B 253 13.64 9.00 12.57
C ILE B 253 12.42 8.13 12.29
N SER B 254 12.57 7.20 11.34
CA SER B 254 11.49 6.29 10.97
C SER B 254 10.90 5.66 12.23
N HIS B 255 9.58 5.76 12.39
CA HIS B 255 8.81 5.27 13.56
C HIS B 255 9.43 5.54 14.95
N SER B 256 10.06 6.71 15.10
CA SER B 256 10.74 6.96 16.35
C SER B 256 10.86 8.42 16.66
N GLY B 257 10.97 8.72 17.94
CA GLY B 257 11.40 10.05 18.40
C GLY B 257 12.92 10.15 18.23
N PRO B 258 13.49 11.34 18.44
CA PRO B 258 12.78 12.53 18.89
C PRO B 258 12.01 13.18 17.76
N TRP B 259 11.00 13.94 18.14
CA TRP B 259 10.27 14.71 17.15
C TRP B 259 11.02 16.00 16.84
N SER B 260 10.70 16.58 15.69
CA SER B 260 11.16 17.91 15.36
C SER B 260 10.47 18.92 16.29
N GLY B 261 10.90 20.16 16.18
CA GLY B 261 10.09 21.23 16.69
C GLY B 261 9.05 21.56 15.64
N TRP B 262 8.05 22.32 16.07
CA TRP B 262 7.06 22.88 15.17
C TRP B 262 7.68 23.83 14.14
N GLN B 263 7.22 23.75 12.90
CA GLN B 263 7.63 24.69 11.85
C GLN B 263 6.42 25.17 11.09
N SER B 264 6.47 26.43 10.67
CA SER B 264 5.36 27.01 9.95
C SER B 264 5.52 26.83 8.45
N LEU B 265 4.42 26.49 7.79
CA LEU B 265 4.30 26.56 6.34
C LEU B 265 3.59 27.83 5.91
N ASN B 266 3.41 28.76 6.86
CA ASN B 266 2.81 30.07 6.60
C ASN B 266 1.37 29.93 6.11
N GLY B 267 0.89 30.91 5.35
CA GLY B 267 -0.52 30.99 4.96
C GLY B 267 -1.37 31.53 6.11
N VAL B 268 -2.61 31.87 5.79
CA VAL B 268 -3.61 32.18 6.82
C VAL B 268 -4.83 31.43 6.38
N ILE B 269 -5.24 30.43 7.15
CA ILE B 269 -6.26 29.48 6.70
C ILE B 269 -7.49 29.52 7.59
N THR B 270 -8.64 29.32 6.95
CA THR B 270 -9.95 29.43 7.62
C THR B 270 -10.70 28.09 7.67
N SER B 271 -9.95 27.00 7.54
CA SER B 271 -10.52 25.66 7.70
C SER B 271 -9.42 24.73 8.15
N ALA B 272 -9.81 23.50 8.47
CA ALA B 272 -8.83 22.45 8.70
C ALA B 272 -8.05 22.25 7.41
N PRO B 273 -6.80 21.81 7.54
CA PRO B 273 -6.04 21.43 6.38
C PRO B 273 -6.36 19.98 5.99
N ALA B 274 -6.15 19.68 4.71
CA ALA B 274 -6.12 18.31 4.19
C ALA B 274 -4.75 18.12 3.55
N VAL B 275 -4.19 16.92 3.71
CA VAL B 275 -2.85 16.62 3.17
C VAL B 275 -2.92 15.29 2.44
N ALA B 276 -2.24 15.22 1.30
CA ALA B 276 -2.14 13.99 0.49
C ALA B 276 -0.80 13.92 -0.22
N LYS B 277 -0.49 12.71 -0.70
CA LYS B 277 0.76 12.41 -1.40
C LYS B 277 0.51 12.38 -2.90
N ASN B 278 1.30 13.15 -3.66
CA ASN B 278 1.37 12.98 -5.10
C ASN B 278 1.98 11.60 -5.36
N CYS B 279 1.86 11.11 -6.59
CA CYS B 279 2.29 9.72 -6.85
C CYS B 279 3.80 9.53 -6.63
N ASP B 280 4.56 10.62 -6.81
CA ASP B 280 5.99 10.70 -6.44
C ASP B 280 6.29 10.96 -4.95
N ASN B 281 5.24 10.94 -4.12
CA ASN B 281 5.33 11.04 -2.63
C ASN B 281 5.50 12.47 -2.08
N ARG B 282 5.52 13.46 -2.96
CA ARG B 282 5.58 14.87 -2.55
C ARG B 282 4.27 15.19 -1.85
N LEU B 283 4.37 15.62 -0.59
CA LEU B 283 3.21 16.05 0.15
C LEU B 283 2.64 17.35 -0.41
N GLU B 284 1.32 17.48 -0.29
CA GLU B 284 0.60 18.63 -0.77
C GLU B 284 -0.53 18.90 0.22
N ALA B 285 -0.57 20.14 0.71
CA ALA B 285 -1.51 20.58 1.73
C ALA B 285 -2.50 21.56 1.12
N PHE B 286 -3.75 21.41 1.53
CA PHE B 286 -4.87 22.18 1.02
C PHE B 286 -5.67 22.76 2.18
N ALA B 287 -6.19 23.97 1.98
CA ALA B 287 -7.04 24.57 2.98
C ALA B 287 -7.82 25.71 2.37
N ARG B 288 -8.90 26.06 3.05
CA ARG B 288 -9.65 27.25 2.69
C ARG B 288 -8.85 28.50 3.08
N GLY B 289 -8.86 29.48 2.18
CA GLY B 289 -8.16 30.76 2.41
C GLY B 289 -9.02 31.84 3.07
N THR B 290 -8.38 32.94 3.44
CA THR B 290 -9.07 34.14 3.98
C THR B 290 -10.08 34.72 2.98
N ASP B 291 -9.89 34.46 1.67
CA ASP B 291 -10.89 34.81 0.64
C ASP B 291 -11.92 33.71 0.34
N ASN B 292 -11.94 32.67 1.16
CA ASN B 292 -12.78 31.47 0.94
C ASN B 292 -12.55 30.68 -0.36
N ALA B 293 -11.44 30.92 -1.05
CA ALA B 293 -11.02 30.05 -2.14
C ALA B 293 -10.25 28.84 -1.57
N LEU B 294 -10.06 27.84 -2.41
CA LEU B 294 -9.15 26.74 -2.09
C LEU B 294 -7.73 27.20 -2.38
N TRP B 295 -6.83 27.03 -1.41
CA TRP B 295 -5.41 27.28 -1.59
C TRP B 295 -4.61 26.00 -1.31
N HIS B 296 -3.39 25.96 -1.84
CA HIS B 296 -2.46 24.84 -1.60
C HIS B 296 -1.01 25.24 -1.62
N THR B 297 -0.23 24.43 -0.91
CA THR B 297 1.21 24.48 -0.91
C THR B 297 1.69 23.04 -1.08
N TRP B 298 2.79 22.87 -1.79
CA TRP B 298 3.31 21.53 -2.11
C TRP B 298 4.81 21.48 -1.95
N GLN B 299 5.31 20.31 -1.56
CA GLN B 299 6.74 20.03 -1.63
C GLN B 299 7.20 20.13 -3.07
N THR B 300 8.38 20.73 -3.26
CA THR B 300 9.00 20.88 -4.57
C THR B 300 10.13 19.87 -4.70
N VAL B 301 10.42 19.50 -5.95
CA VAL B 301 11.58 18.67 -6.35
C VAL B 301 11.31 17.20 -6.02
N SER B 302 11.20 16.92 -4.72
CA SER B 302 11.04 15.56 -4.25
C SER B 302 10.36 15.56 -2.89
N HIS B 303 10.09 14.36 -2.39
CA HIS B 303 9.45 14.18 -1.09
C HIS B 303 10.28 14.64 0.12
N SER B 304 11.56 14.99 -0.04
CA SER B 304 12.28 15.63 1.06
C SER B 304 12.69 17.09 0.75
N GLY B 305 12.08 17.66 -0.28
CA GLY B 305 12.34 19.05 -0.70
C GLY B 305 11.50 20.13 0.00
N PRO B 306 11.83 21.41 -0.26
CA PRO B 306 11.13 22.50 0.40
C PRO B 306 9.74 22.74 -0.15
N TRP B 307 8.91 23.37 0.65
CA TRP B 307 7.56 23.66 0.25
C TRP B 307 7.49 24.93 -0.61
N SER B 308 6.55 24.94 -1.54
CA SER B 308 6.25 26.11 -2.36
C SER B 308 5.62 27.19 -1.52
N SER B 309 5.48 28.38 -2.11
CA SER B 309 4.58 29.38 -1.54
C SER B 309 3.15 28.92 -1.84
N TRP B 310 2.21 29.46 -1.09
CA TRP B 310 0.81 29.14 -1.27
C TRP B 310 0.28 29.74 -2.55
N GLN B 311 -0.62 29.02 -3.20
CA GLN B 311 -1.24 29.47 -4.43
C GLN B 311 -2.71 29.12 -4.40
N SER B 312 -3.51 29.91 -5.10
CA SER B 312 -4.95 29.73 -5.08
C SER B 312 -5.36 28.76 -6.16
N LEU B 313 -6.35 27.93 -5.84
CA LEU B 313 -7.09 27.11 -6.81
C LEU B 313 -8.53 27.59 -6.99
N ASN B 314 -8.80 28.83 -6.57
CA ASN B 314 -10.11 29.48 -6.77
C ASN B 314 -11.26 28.73 -6.10
N GLY B 315 -12.47 28.90 -6.63
CA GLY B 315 -13.68 28.43 -6.00
C GLY B 315 -14.04 29.30 -4.81
N VAL B 316 -15.25 29.08 -4.33
CA VAL B 316 -15.73 29.68 -3.10
C VAL B 316 -16.28 28.51 -2.32
N ILE B 317 -15.65 28.17 -1.19
CA ILE B 317 -16.01 26.94 -0.45
C ILE B 317 -16.46 27.19 0.98
N THR B 318 -17.26 26.24 1.47
CA THR B 318 -17.95 26.30 2.78
C THR B 318 -17.68 25.08 3.68
N SER B 319 -16.52 24.46 3.48
CA SER B 319 -16.00 23.40 4.36
C SER B 319 -14.52 23.40 4.17
N ALA B 320 -13.81 22.60 4.96
CA ALA B 320 -12.43 22.24 4.60
C ALA B 320 -12.45 21.36 3.35
N PRO B 321 -11.34 21.37 2.59
CA PRO B 321 -11.24 20.47 1.47
C PRO B 321 -10.90 19.05 1.93
N THR B 322 -11.13 18.08 1.07
CA THR B 322 -10.72 16.68 1.30
C THR B 322 -9.90 16.30 0.07
N ALA B 323 -8.66 15.86 0.28
CA ALA B 323 -7.75 15.54 -0.83
C ALA B 323 -7.42 14.05 -0.86
N VAL B 324 -7.28 13.51 -2.07
CA VAL B 324 -7.03 12.08 -2.24
C VAL B 324 -6.39 11.84 -3.61
N ARG B 325 -5.45 10.90 -3.66
CA ARG B 325 -4.79 10.52 -4.91
C ARG B 325 -5.66 9.44 -5.55
N ASP B 326 -5.99 9.61 -6.82
CA ASP B 326 -6.84 8.66 -7.55
C ASP B 326 -6.00 7.54 -8.19
N ALA B 327 -6.66 6.64 -8.92
CA ALA B 327 -5.99 5.49 -9.55
C ALA B 327 -5.09 5.87 -10.73
N ASP B 328 -5.19 7.10 -11.24
CA ASP B 328 -4.24 7.63 -12.23
C ASP B 328 -3.06 8.34 -11.58
N GLY B 329 -2.96 8.28 -10.26
CA GLY B 329 -1.93 8.98 -9.52
C GLY B 329 -2.07 10.48 -9.46
N ARG B 330 -3.27 11.01 -9.74
CA ARG B 330 -3.53 12.45 -9.62
C ARG B 330 -4.28 12.79 -8.35
N LEU B 331 -4.00 13.96 -7.79
CA LEU B 331 -4.80 14.47 -6.68
C LEU B 331 -6.13 15.03 -7.14
N GLU B 332 -7.16 14.70 -6.35
CA GLU B 332 -8.52 15.19 -6.53
C GLU B 332 -8.92 15.78 -5.20
N VAL B 333 -9.55 16.96 -5.23
CA VAL B 333 -9.94 17.67 -4.03
C VAL B 333 -11.43 17.99 -4.04
N PHE B 334 -12.09 17.62 -2.95
CA PHE B 334 -13.52 17.84 -2.78
C PHE B 334 -13.74 18.94 -1.75
N ALA B 335 -14.79 19.74 -1.94
CA ALA B 335 -15.18 20.69 -0.90
C ALA B 335 -16.63 21.09 -1.09
N ARG B 336 -17.29 21.40 0.01
CA ARG B 336 -18.65 21.90 -0.06
C ARG B 336 -18.63 23.30 -0.70
N GLY B 337 -19.60 23.56 -1.58
CA GLY B 337 -19.76 24.88 -2.21
C GLY B 337 -20.77 25.79 -1.52
N THR B 338 -21.01 26.96 -2.14
CA THR B 338 -21.91 27.97 -1.58
C THR B 338 -23.35 27.55 -1.70
N ASP B 339 -23.64 26.62 -2.61
CA ASP B 339 -24.96 25.97 -2.70
C ASP B 339 -25.13 24.71 -1.84
N ASN B 340 -24.14 24.43 -0.99
CA ASN B 340 -24.09 23.20 -0.17
C ASN B 340 -23.96 21.85 -0.90
N ALA B 341 -23.67 21.91 -2.20
CA ALA B 341 -23.32 20.74 -2.98
C ALA B 341 -21.84 20.40 -2.74
N LEU B 342 -21.46 19.17 -3.09
CA LEU B 342 -20.04 18.81 -3.12
C LEU B 342 -19.44 19.17 -4.47
N TRP B 343 -18.39 19.99 -4.44
CA TRP B 343 -17.67 20.36 -5.66
C TRP B 343 -16.30 19.67 -5.73
N LEU B 344 -15.72 19.67 -6.92
CA LEU B 344 -14.55 18.83 -7.24
C LEU B 344 -13.61 19.49 -8.23
N THR B 345 -12.33 19.52 -7.90
CA THR B 345 -11.27 19.92 -8.83
C THR B 345 -10.12 18.89 -8.74
N TRP B 346 -9.46 18.66 -9.88
CA TRP B 346 -8.34 17.72 -9.92
C TRP B 346 -7.14 18.26 -10.69
N GLN B 347 -5.99 17.62 -10.47
CA GLN B 347 -4.76 17.93 -11.21
C GLN B 347 -4.92 17.48 -12.66
N THR B 348 -4.50 18.34 -13.57
CA THR B 348 -4.32 18.00 -14.99
C THR B 348 -2.81 18.03 -15.24
N ALA B 349 -2.41 17.83 -16.50
CA ALA B 349 -1.01 17.78 -16.89
C ALA B 349 -0.18 18.96 -16.34
N SER B 350 -0.65 20.18 -16.58
CA SER B 350 0.10 21.37 -16.19
C SER B 350 -0.55 22.22 -15.11
N SER B 351 -1.81 21.93 -14.78
CA SER B 351 -2.62 22.83 -13.95
C SER B 351 -3.66 22.03 -13.14
N TRP B 352 -4.82 22.64 -12.93
CA TRP B 352 -5.96 22.00 -12.28
C TRP B 352 -7.23 22.25 -13.11
N SER B 353 -8.16 21.30 -13.01
CA SER B 353 -9.41 21.35 -13.74
C SER B 353 -10.32 22.44 -13.18
N PRO B 354 -11.20 23.00 -14.04
CA PRO B 354 -12.27 23.89 -13.56
C PRO B 354 -13.11 23.20 -12.51
N TRP B 355 -13.47 23.91 -11.44
CA TRP B 355 -14.34 23.36 -10.41
C TRP B 355 -15.63 22.86 -11.08
N ILE B 356 -16.08 21.65 -10.69
CA ILE B 356 -17.33 21.07 -11.21
C ILE B 356 -18.20 20.57 -10.04
N SER B 357 -19.52 20.54 -10.21
CA SER B 357 -20.40 20.16 -9.10
C SER B 357 -20.83 18.71 -9.20
N LEU B 358 -20.84 18.03 -8.06
CA LEU B 358 -21.39 16.68 -7.94
C LEU B 358 -22.79 16.72 -7.32
N GLY B 359 -23.35 17.91 -7.16
CA GLY B 359 -24.68 18.05 -6.59
C GLY B 359 -24.74 17.56 -5.15
N GLY B 360 -25.95 17.20 -4.72
CA GLY B 360 -26.25 16.88 -3.35
C GLY B 360 -26.39 18.10 -2.46
N VAL B 361 -26.89 17.88 -1.25
CA VAL B 361 -26.88 18.88 -0.20
C VAL B 361 -26.29 18.26 1.05
N LEU B 362 -25.15 18.78 1.50
CA LEU B 362 -24.44 18.24 2.63
C LEU B 362 -24.36 19.20 3.82
N ILE B 363 -24.38 18.60 5.01
CA ILE B 363 -24.23 19.32 6.27
C ILE B 363 -22.97 18.88 6.97
N ASP B 364 -22.50 19.73 7.87
CA ASP B 364 -21.35 19.43 8.67
C ASP B 364 -21.92 18.84 9.94
N ALA B 365 -21.80 17.51 10.09
CA ALA B 365 -22.29 16.82 11.30
C ALA B 365 -21.20 16.49 12.34
N SER B 366 -20.05 17.15 12.25
CA SER B 366 -18.93 16.81 13.12
C SER B 366 -19.32 16.90 14.58
N ALA B 367 -18.98 15.87 15.34
CA ALA B 367 -19.34 15.78 16.74
C ALA B 367 -18.62 16.80 17.57
N ILE B 368 -17.49 17.33 17.08
CA ILE B 368 -16.77 18.42 17.71
C ILE B 368 -16.60 19.51 16.68
N LYS B 369 -17.02 20.72 17.05
CA LYS B 369 -16.90 21.88 16.17
C LYS B 369 -16.14 23.01 16.85
#